data_2KMR
#
_entry.id   2KMR
#
_entity_poly.entity_id   1
_entity_poly.type   'polypeptide(L)'
_entity_poly.pdbx_seq_one_letter_code
;KKVCACPKILKPVCGSDGRTYANSCIARCNGVSIKSEGSCPTGI
;
_entity_poly.pdbx_strand_id   A
#
# COMPACT_ATOMS: atom_id res chain seq x y z
N LYS A 1 10.19 -17.88 -6.03
CA LYS A 1 11.24 -16.82 -5.92
C LYS A 1 10.81 -15.41 -6.36
N LYS A 2 9.51 -15.11 -6.58
CA LYS A 2 9.03 -13.81 -7.07
C LYS A 2 9.33 -12.64 -6.13
N VAL A 3 9.29 -11.41 -6.66
CA VAL A 3 9.56 -10.15 -5.94
C VAL A 3 8.61 -9.03 -6.40
N CYS A 4 8.21 -8.16 -5.48
CA CYS A 4 7.33 -7.02 -5.72
C CYS A 4 8.09 -5.86 -6.39
N ALA A 5 7.97 -5.74 -7.72
CA ALA A 5 8.56 -4.69 -8.55
C ALA A 5 7.85 -3.31 -8.41
N CYS A 6 7.62 -2.86 -7.16
CA CYS A 6 6.98 -1.60 -6.82
C CYS A 6 7.74 -0.35 -7.32
N PRO A 7 7.05 0.81 -7.49
CA PRO A 7 7.68 2.07 -7.90
C PRO A 7 8.60 2.63 -6.81
N LYS A 8 9.63 3.39 -7.23
CA LYS A 8 10.58 4.10 -6.35
C LYS A 8 10.00 5.35 -5.68
N ILE A 9 9.07 6.01 -6.36
CA ILE A 9 8.42 7.27 -5.97
C ILE A 9 7.71 7.14 -4.60
N LEU A 10 8.02 8.06 -3.69
CA LEU A 10 7.48 8.11 -2.33
C LEU A 10 5.95 8.32 -2.30
N LYS A 11 5.22 7.44 -1.60
CA LYS A 11 3.77 7.56 -1.35
C LYS A 11 3.41 7.23 0.12
N PRO A 12 3.76 8.12 1.09
CA PRO A 12 3.52 7.90 2.51
C PRO A 12 2.02 8.03 2.89
N VAL A 13 1.29 6.93 2.72
CA VAL A 13 -0.14 6.79 3.04
C VAL A 13 -0.43 6.62 4.53
N CYS A 14 -1.68 6.84 4.93
CA CYS A 14 -2.20 6.62 6.30
C CYS A 14 -2.55 5.15 6.62
N GLY A 15 -2.46 4.25 5.62
CA GLY A 15 -2.79 2.83 5.72
C GLY A 15 -4.26 2.54 6.01
N SER A 16 -4.56 1.30 6.44
CA SER A 16 -5.89 0.88 6.92
C SER A 16 -5.90 0.57 8.43
N ASP A 17 -4.84 -0.06 8.96
CA ASP A 17 -4.68 -0.38 10.38
C ASP A 17 -4.39 0.86 11.29
N GLY A 18 -4.06 2.01 10.69
CA GLY A 18 -3.73 3.27 11.36
C GLY A 18 -2.22 3.49 11.51
N ARG A 19 -1.46 3.12 10.47
CA ARG A 19 0.02 3.02 10.43
C ARG A 19 0.58 3.65 9.16
N THR A 20 1.80 4.16 9.23
CA THR A 20 2.50 4.80 8.10
C THR A 20 3.42 3.80 7.39
N TYR A 21 3.38 3.78 6.05
CA TYR A 21 4.19 2.91 5.19
C TYR A 21 4.90 3.72 4.11
N ALA A 22 5.95 3.15 3.51
CA ALA A 22 6.82 3.87 2.59
C ALA A 22 6.07 4.29 1.31
N ASN A 23 5.56 3.29 0.57
CA ASN A 23 4.65 3.44 -0.58
C ASN A 23 3.42 2.52 -0.41
N SER A 24 2.35 2.80 -1.16
CA SER A 24 1.12 2.01 -1.18
C SER A 24 1.31 0.57 -1.68
N CYS A 25 2.12 0.39 -2.73
CA CYS A 25 2.49 -0.90 -3.32
C CYS A 25 3.14 -1.84 -2.29
N ILE A 26 4.13 -1.31 -1.56
CA ILE A 26 4.80 -2.00 -0.45
C ILE A 26 3.80 -2.56 0.58
N ALA A 27 2.79 -1.78 1.00
CA ALA A 27 1.77 -2.27 1.93
C ALA A 27 1.00 -3.48 1.37
N ARG A 28 0.56 -3.41 0.10
CA ARG A 28 -0.11 -4.51 -0.62
C ARG A 28 0.77 -5.77 -0.68
N CYS A 29 2.04 -5.61 -1.04
CA CYS A 29 3.07 -6.66 -1.04
C CYS A 29 3.22 -7.32 0.35
N ASN A 30 3.33 -6.50 1.40
CA ASN A 30 3.54 -6.95 2.78
C ASN A 30 2.32 -7.69 3.37
N GLY A 31 1.10 -7.36 2.92
CA GLY A 31 -0.15 -8.03 3.30
C GLY A 31 -1.24 -7.13 3.91
N VAL A 32 -1.22 -5.82 3.67
CA VAL A 32 -2.17 -4.84 4.20
C VAL A 32 -2.79 -4.06 3.03
N SER A 33 -4.08 -3.73 3.18
CA SER A 33 -4.87 -2.96 2.21
C SER A 33 -4.95 -1.47 2.58
N ILE A 34 -5.47 -0.66 1.65
CA ILE A 34 -5.65 0.79 1.76
C ILE A 34 -7.00 1.23 1.11
N LYS A 35 -7.90 0.27 0.81
CA LYS A 35 -9.18 0.44 0.09
C LYS A 35 -9.05 1.04 -1.32
N SER A 36 -7.84 0.99 -1.90
CA SER A 36 -7.44 1.59 -3.18
C SER A 36 -7.03 0.55 -4.25
N GLU A 37 -7.49 -0.69 -4.09
CA GLU A 37 -7.26 -1.82 -5.01
C GLU A 37 -7.67 -1.55 -6.47
N GLY A 38 -8.58 -0.59 -6.72
CA GLY A 38 -9.00 -0.16 -8.06
C GLY A 38 -8.02 0.75 -8.81
N SER A 39 -6.96 1.25 -8.15
CA SER A 39 -5.92 2.10 -8.73
C SER A 39 -4.55 1.84 -8.10
N CYS A 40 -3.80 0.90 -8.69
CA CYS A 40 -2.49 0.44 -8.22
C CYS A 40 -1.50 0.21 -9.40
N PRO A 41 -0.17 0.17 -9.15
CA PRO A 41 0.83 -0.06 -10.19
C PRO A 41 0.91 -1.52 -10.69
N THR A 42 0.31 -2.46 -9.95
CA THR A 42 0.23 -3.90 -10.27
C THR A 42 -0.50 -4.16 -11.60
N GLY A 43 0.23 -4.63 -12.62
CA GLY A 43 -0.29 -4.84 -13.98
C GLY A 43 0.49 -5.88 -14.79
N ILE A 44 0.39 -7.16 -14.38
CA ILE A 44 0.97 -8.33 -15.07
C ILE A 44 0.33 -8.53 -16.46
N LYS A 1 9.19 -17.82 -5.90
CA LYS A 1 10.49 -17.08 -5.99
C LYS A 1 10.30 -15.83 -6.88
N LYS A 2 9.88 -14.70 -6.27
CA LYS A 2 9.63 -13.39 -6.90
C LYS A 2 9.69 -12.24 -5.87
N VAL A 3 9.59 -10.99 -6.32
CA VAL A 3 9.53 -9.78 -5.48
C VAL A 3 8.55 -8.74 -6.03
N CYS A 4 7.95 -7.95 -5.14
CA CYS A 4 7.05 -6.83 -5.47
C CYS A 4 7.84 -5.66 -6.09
N ALA A 5 7.71 -5.45 -7.41
CA ALA A 5 8.39 -4.41 -8.19
C ALA A 5 7.80 -2.99 -7.98
N CYS A 6 7.71 -2.55 -6.72
CA CYS A 6 7.16 -1.26 -6.31
C CYS A 6 8.01 -0.04 -6.77
N PRO A 7 7.39 1.15 -6.94
CA PRO A 7 8.11 2.36 -7.36
C PRO A 7 9.00 2.93 -6.25
N LYS A 8 10.02 3.71 -6.65
CA LYS A 8 10.95 4.42 -5.73
C LYS A 8 10.47 5.83 -5.33
N ILE A 9 9.40 6.33 -5.96
CA ILE A 9 8.73 7.60 -5.62
C ILE A 9 8.17 7.51 -4.19
N LEU A 10 8.29 8.61 -3.42
CA LEU A 10 7.69 8.77 -2.10
C LEU A 10 6.22 9.22 -2.23
N LYS A 11 5.30 8.26 -2.13
CA LYS A 11 3.85 8.49 -2.02
C LYS A 11 3.26 7.74 -0.79
N PRO A 12 3.65 8.14 0.44
CA PRO A 12 3.18 7.50 1.67
C PRO A 12 1.68 7.71 1.89
N VAL A 13 1.05 6.79 2.62
CA VAL A 13 -0.38 6.77 2.93
C VAL A 13 -0.63 6.29 4.36
N CYS A 14 -1.80 6.61 4.91
CA CYS A 14 -2.30 6.07 6.17
C CYS A 14 -2.74 4.61 5.99
N GLY A 15 -1.95 3.66 6.48
CA GLY A 15 -2.28 2.23 6.50
C GLY A 15 -3.46 1.93 7.42
N SER A 16 -4.27 0.91 7.07
CA SER A 16 -5.51 0.55 7.78
C SER A 16 -5.31 0.04 9.22
N ASP A 17 -4.10 -0.38 9.60
CA ASP A 17 -3.70 -0.67 10.99
C ASP A 17 -3.37 0.60 11.82
N GLY A 18 -3.31 1.78 11.19
CA GLY A 18 -3.00 3.08 11.78
C GLY A 18 -1.54 3.52 11.63
N ARG A 19 -0.84 3.05 10.58
CA ARG A 19 0.63 3.11 10.44
C ARG A 19 1.09 3.74 9.11
N THR A 20 2.39 4.01 9.01
CA THR A 20 3.05 4.65 7.85
C THR A 20 3.79 3.62 7.01
N TYR A 21 3.50 3.57 5.70
CA TYR A 21 4.17 2.73 4.72
C TYR A 21 4.57 3.52 3.47
N ALA A 22 5.56 3.02 2.73
CA ALA A 22 6.24 3.79 1.68
C ALA A 22 5.31 4.16 0.51
N ASN A 23 4.56 3.18 -0.02
CA ASN A 23 3.53 3.31 -1.06
C ASN A 23 2.36 2.34 -0.80
N SER A 24 1.28 2.40 -1.60
CA SER A 24 0.19 1.40 -1.55
C SER A 24 0.64 0.00 -2.00
N CYS A 25 1.65 -0.06 -2.87
CA CYS A 25 2.29 -1.29 -3.35
C CYS A 25 2.87 -2.13 -2.21
N ILE A 26 3.80 -1.55 -1.43
CA ILE A 26 4.45 -2.23 -0.30
C ILE A 26 3.42 -2.67 0.76
N ALA A 27 2.35 -1.90 0.99
CA ALA A 27 1.25 -2.30 1.88
C ALA A 27 0.59 -3.60 1.42
N ARG A 28 0.14 -3.69 0.16
CA ARG A 28 -0.44 -4.92 -0.43
C ARG A 28 0.54 -6.08 -0.50
N CYS A 29 1.83 -5.81 -0.70
CA CYS A 29 2.92 -6.79 -0.64
C CYS A 29 3.05 -7.39 0.78
N ASN A 30 3.05 -6.53 1.81
CA ASN A 30 3.17 -6.90 3.22
C ASN A 30 1.94 -7.65 3.76
N GLY A 31 0.73 -7.13 3.52
CA GLY A 31 -0.54 -7.71 4.01
C GLY A 31 -1.62 -6.71 4.46
N VAL A 32 -1.61 -5.47 3.96
CA VAL A 32 -2.58 -4.40 4.29
C VAL A 32 -3.13 -3.81 2.98
N SER A 33 -4.38 -3.39 3.01
CA SER A 33 -5.13 -2.88 1.85
C SER A 33 -5.55 -1.42 2.01
N ILE A 34 -5.33 -0.62 0.97
CA ILE A 34 -5.38 0.86 0.96
C ILE A 34 -6.41 1.39 -0.06
N LYS A 35 -7.23 0.51 -0.66
CA LYS A 35 -8.15 0.77 -1.80
C LYS A 35 -7.47 1.26 -3.10
N SER A 36 -6.15 1.12 -3.18
CA SER A 36 -5.28 1.52 -4.29
C SER A 36 -4.53 0.32 -4.90
N GLU A 37 -5.24 -0.80 -5.04
CA GLU A 37 -4.77 -2.01 -5.75
C GLU A 37 -4.43 -1.75 -7.24
N GLY A 38 -3.64 -2.64 -7.85
CA GLY A 38 -3.25 -2.58 -9.26
C GLY A 38 -2.35 -3.75 -9.66
N SER A 39 -1.14 -3.81 -9.10
CA SER A 39 -0.18 -4.91 -9.22
C SER A 39 -0.74 -6.20 -8.62
N CYS A 40 -1.13 -7.16 -9.46
CA CYS A 40 -1.72 -8.44 -9.05
C CYS A 40 -0.77 -9.28 -8.16
N PRO A 41 -1.13 -9.59 -6.90
CA PRO A 41 -0.25 -10.33 -5.97
C PRO A 41 -0.14 -11.83 -6.28
N THR A 42 -1.07 -12.39 -7.09
CA THR A 42 -1.16 -13.83 -7.43
C THR A 42 -1.27 -14.73 -6.18
N GLY A 43 -1.99 -14.26 -5.15
CA GLY A 43 -2.24 -14.95 -3.88
C GLY A 43 -3.63 -15.57 -3.80
N ILE A 44 -4.58 -14.86 -3.17
CA ILE A 44 -6.00 -15.25 -3.01
C ILE A 44 -6.73 -15.23 -4.36
N LYS A 1 13.96 -16.10 -2.57
CA LYS A 1 13.94 -14.61 -2.44
C LYS A 1 12.60 -14.03 -2.91
N LYS A 2 11.75 -13.58 -1.98
CA LYS A 2 10.48 -12.89 -2.28
C LYS A 2 10.75 -11.49 -2.87
N VAL A 3 9.93 -11.08 -3.84
CA VAL A 3 10.04 -9.79 -4.54
C VAL A 3 8.65 -9.22 -4.89
N CYS A 4 8.51 -7.90 -4.80
CA CYS A 4 7.27 -7.15 -5.12
C CYS A 4 7.43 -6.26 -6.38
N ALA A 5 8.67 -5.96 -6.80
CA ALA A 5 9.04 -5.05 -7.90
C ALA A 5 8.31 -3.68 -7.87
N CYS A 6 8.01 -3.17 -6.68
CA CYS A 6 7.25 -1.93 -6.48
C CYS A 6 7.98 -0.67 -7.06
N PRO A 7 7.21 0.37 -7.45
CA PRO A 7 7.76 1.62 -8.01
C PRO A 7 8.56 2.43 -6.98
N LYS A 8 9.46 3.28 -7.49
CA LYS A 8 10.36 4.17 -6.71
C LYS A 8 9.67 5.38 -6.07
N ILE A 9 8.39 5.61 -6.41
CA ILE A 9 7.52 6.69 -5.93
C ILE A 9 7.40 6.73 -4.41
N LEU A 10 7.43 7.95 -3.89
CA LEU A 10 7.41 8.31 -2.47
C LEU A 10 6.10 9.05 -2.15
N LYS A 11 5.12 8.33 -1.56
CA LYS A 11 3.85 8.89 -1.10
C LYS A 11 3.33 8.12 0.13
N PRO A 12 3.89 8.40 1.33
CA PRO A 12 3.51 7.71 2.56
C PRO A 12 2.12 8.13 3.05
N VAL A 13 1.15 7.22 2.91
CA VAL A 13 -0.26 7.36 3.29
C VAL A 13 -0.60 6.54 4.54
N CYS A 14 -1.81 6.71 5.08
CA CYS A 14 -2.30 6.01 6.27
C CYS A 14 -2.66 4.55 5.94
N GLY A 15 -2.60 3.66 6.95
CA GLY A 15 -2.98 2.24 6.83
C GLY A 15 -4.09 1.84 7.81
N SER A 16 -4.86 0.81 7.43
CA SER A 16 -6.06 0.33 8.14
C SER A 16 -5.82 -0.05 9.61
N ASP A 17 -4.65 -0.61 9.93
CA ASP A 17 -4.25 -1.02 11.29
C ASP A 17 -3.72 0.16 12.17
N GLY A 18 -3.51 1.34 11.59
CA GLY A 18 -2.94 2.52 12.26
C GLY A 18 -1.41 2.56 12.14
N ARG A 19 -0.92 2.47 10.89
CA ARG A 19 0.49 2.32 10.49
C ARG A 19 0.81 3.22 9.27
N THR A 20 2.08 3.28 8.88
CA THR A 20 2.58 4.07 7.73
C THR A 20 3.59 3.26 6.90
N TYR A 21 3.53 3.39 5.57
CA TYR A 21 4.36 2.64 4.61
C TYR A 21 4.83 3.55 3.46
N ALA A 22 5.87 3.14 2.73
CA ALA A 22 6.56 4.04 1.79
C ALA A 22 5.66 4.50 0.62
N ASN A 23 4.94 3.56 0.01
CA ASN A 23 3.84 3.82 -0.94
C ASN A 23 2.72 2.76 -0.82
N SER A 24 1.68 2.87 -1.65
CA SER A 24 0.54 1.93 -1.68
C SER A 24 0.91 0.53 -2.15
N CYS A 25 1.92 0.38 -3.02
CA CYS A 25 2.41 -0.92 -3.51
C CYS A 25 3.00 -1.75 -2.37
N ILE A 26 4.01 -1.19 -1.69
CA ILE A 26 4.68 -1.87 -0.57
C ILE A 26 3.68 -2.27 0.54
N ALA A 27 2.70 -1.43 0.85
CA ALA A 27 1.64 -1.72 1.81
C ALA A 27 0.78 -2.94 1.42
N ARG A 28 0.38 -3.03 0.14
CA ARG A 28 -0.37 -4.18 -0.40
C ARG A 28 0.45 -5.47 -0.39
N CYS A 29 1.74 -5.40 -0.77
CA CYS A 29 2.65 -6.55 -0.68
C CYS A 29 2.92 -7.00 0.77
N ASN A 30 2.98 -6.04 1.71
CA ASN A 30 3.14 -6.28 3.15
C ASN A 30 1.93 -6.98 3.77
N GLY A 31 0.71 -6.44 3.59
CA GLY A 31 -0.53 -7.02 4.13
C GLY A 31 -1.69 -6.06 4.45
N VAL A 32 -1.72 -4.83 3.90
CA VAL A 32 -2.75 -3.82 4.19
C VAL A 32 -3.35 -3.30 2.88
N SER A 33 -4.66 -3.12 2.87
CA SER A 33 -5.47 -2.73 1.70
C SER A 33 -5.64 -1.22 1.57
N ILE A 34 -4.76 -0.60 0.77
CA ILE A 34 -4.71 0.87 0.56
C ILE A 34 -5.43 1.31 -0.72
N LYS A 35 -5.51 0.42 -1.72
CA LYS A 35 -6.19 0.66 -3.01
C LYS A 35 -7.72 0.55 -2.95
N SER A 36 -8.26 -0.22 -1.99
CA SER A 36 -9.69 -0.60 -1.91
C SER A 36 -10.20 -1.28 -3.20
N GLU A 37 -9.33 -2.07 -3.83
CA GLU A 37 -9.56 -2.84 -5.06
C GLU A 37 -10.70 -3.89 -4.93
N GLY A 38 -11.16 -4.40 -6.08
CA GLY A 38 -12.26 -5.35 -6.23
C GLY A 38 -13.56 -4.77 -6.84
N SER A 39 -13.66 -3.45 -6.97
CA SER A 39 -14.84 -2.73 -7.50
C SER A 39 -14.60 -2.07 -8.87
N CYS A 40 -13.43 -1.47 -9.08
CA CYS A 40 -12.99 -0.81 -10.31
C CYS A 40 -11.56 -1.26 -10.70
N PRO A 41 -11.15 -1.19 -11.98
CA PRO A 41 -9.84 -1.67 -12.45
C PRO A 41 -8.66 -0.78 -12.01
N THR A 42 -8.93 0.43 -11.52
CA THR A 42 -7.94 1.38 -10.98
C THR A 42 -7.28 0.84 -9.70
N GLY A 43 -5.95 0.92 -9.60
CA GLY A 43 -5.19 0.45 -8.44
C GLY A 43 -3.78 1.05 -8.32
N ILE A 44 -2.81 0.47 -9.04
CA ILE A 44 -1.41 0.96 -9.13
C ILE A 44 -1.36 2.33 -9.83
N LYS A 1 14.69 -13.12 -4.99
CA LYS A 1 14.04 -14.16 -4.13
C LYS A 1 13.10 -13.51 -3.12
N LYS A 2 11.78 -13.57 -3.36
CA LYS A 2 10.70 -12.97 -2.55
C LYS A 2 10.94 -11.48 -2.19
N VAL A 3 11.12 -10.64 -3.22
CA VAL A 3 11.28 -9.18 -3.13
C VAL A 3 10.32 -8.46 -4.09
N CYS A 4 9.54 -7.52 -3.54
CA CYS A 4 8.63 -6.64 -4.28
C CYS A 4 9.42 -5.51 -4.99
N ALA A 5 9.64 -5.61 -6.31
CA ALA A 5 10.36 -4.62 -7.11
C ALA A 5 9.53 -3.33 -7.37
N CYS A 6 9.13 -2.64 -6.29
CA CYS A 6 8.35 -1.40 -6.31
C CYS A 6 9.10 -0.22 -6.98
N PRO A 7 8.39 0.80 -7.49
CA PRO A 7 9.00 2.00 -8.08
C PRO A 7 9.64 2.91 -7.01
N LYS A 8 10.44 3.89 -7.46
CA LYS A 8 11.05 4.93 -6.62
C LYS A 8 10.02 5.86 -5.93
N ILE A 9 8.79 5.90 -6.47
CA ILE A 9 7.65 6.71 -5.99
C ILE A 9 7.31 6.35 -4.54
N LEU A 10 7.40 7.39 -3.71
CA LEU A 10 7.04 7.46 -2.29
C LEU A 10 5.66 8.12 -2.17
N LYS A 11 4.68 7.38 -1.64
CA LYS A 11 3.28 7.79 -1.46
C LYS A 11 2.84 7.44 -0.03
N PRO A 12 3.23 8.25 0.98
CA PRO A 12 3.08 7.90 2.40
C PRO A 12 1.62 7.95 2.86
N VAL A 13 0.98 6.77 3.00
CA VAL A 13 -0.46 6.65 3.35
C VAL A 13 -0.66 6.32 4.83
N CYS A 14 -1.86 6.61 5.35
CA CYS A 14 -2.23 6.40 6.76
C CYS A 14 -2.46 4.91 7.14
N GLY A 15 -2.65 4.06 6.13
CA GLY A 15 -2.83 2.61 6.23
C GLY A 15 -4.07 2.14 7.02
N SER A 16 -4.22 0.82 7.15
CA SER A 16 -5.27 0.18 7.97
C SER A 16 -4.87 0.05 9.45
N ASP A 17 -3.60 -0.26 9.75
CA ASP A 17 -3.08 -0.41 11.13
C ASP A 17 -2.84 0.94 11.85
N GLY A 18 -2.80 2.04 11.09
CA GLY A 18 -2.58 3.42 11.57
C GLY A 18 -1.14 3.92 11.43
N ARG A 19 -0.19 3.02 11.13
CA ARG A 19 1.20 3.33 10.77
C ARG A 19 1.34 3.81 9.31
N THR A 20 2.40 4.56 9.01
CA THR A 20 2.70 5.08 7.67
C THR A 20 3.46 4.06 6.81
N TYR A 21 2.82 3.57 5.73
CA TYR A 21 3.42 2.70 4.72
C TYR A 21 4.00 3.51 3.55
N ALA A 22 5.05 2.97 2.94
CA ALA A 22 5.87 3.71 1.97
C ALA A 22 5.10 4.08 0.69
N ASN A 23 4.38 3.12 0.10
CA ASN A 23 3.50 3.31 -1.06
C ASN A 23 2.41 2.21 -1.14
N SER A 24 1.55 2.27 -2.17
CA SER A 24 0.54 1.25 -2.46
C SER A 24 1.15 -0.13 -2.78
N CYS A 25 2.34 -0.16 -3.39
CA CYS A 25 3.09 -1.38 -3.70
C CYS A 25 3.40 -2.19 -2.44
N ILE A 26 4.15 -1.61 -1.50
CA ILE A 26 4.48 -2.30 -0.23
C ILE A 26 3.24 -2.76 0.54
N ALA A 27 2.18 -1.94 0.59
CA ALA A 27 0.91 -2.29 1.23
C ALA A 27 0.31 -3.57 0.62
N ARG A 28 0.04 -3.57 -0.69
CA ARG A 28 -0.51 -4.71 -1.45
C ARG A 28 0.37 -5.96 -1.38
N CYS A 29 1.69 -5.80 -1.49
CA CYS A 29 2.65 -6.90 -1.43
C CYS A 29 2.71 -7.56 -0.04
N ASN A 30 2.68 -6.76 1.04
CA ASN A 30 2.70 -7.23 2.43
C ASN A 30 1.38 -7.90 2.87
N GLY A 31 0.23 -7.33 2.47
CA GLY A 31 -1.11 -7.84 2.82
C GLY A 31 -2.08 -6.80 3.41
N VAL A 32 -1.94 -5.53 3.02
CA VAL A 32 -2.71 -4.37 3.48
C VAL A 32 -3.36 -3.69 2.27
N SER A 33 -4.27 -2.75 2.54
CA SER A 33 -5.02 -1.98 1.53
C SER A 33 -5.31 -0.55 1.99
N ILE A 34 -5.63 0.32 1.02
CA ILE A 34 -5.98 1.74 1.22
C ILE A 34 -7.52 1.97 1.17
N LYS A 35 -8.29 0.93 0.82
CA LYS A 35 -9.77 0.97 0.69
C LYS A 35 -10.48 1.29 2.02
N SER A 36 -9.86 0.92 3.14
CA SER A 36 -10.31 1.27 4.50
C SER A 36 -10.28 2.78 4.72
N GLU A 37 -9.11 3.41 4.49
CA GLU A 37 -8.86 4.85 4.66
C GLU A 37 -7.55 5.27 3.95
N GLY A 38 -7.48 6.53 3.51
CA GLY A 38 -6.33 7.13 2.83
C GLY A 38 -6.74 7.92 1.59
N SER A 39 -6.97 9.23 1.74
CA SER A 39 -7.34 10.15 0.64
C SER A 39 -6.33 10.12 -0.53
N CYS A 40 -6.83 10.29 -1.75
CA CYS A 40 -6.04 10.25 -2.99
C CYS A 40 -6.58 11.23 -4.07
N PRO A 41 -5.75 11.62 -5.06
CA PRO A 41 -6.20 12.45 -6.18
C PRO A 41 -7.13 11.66 -7.12
N THR A 42 -8.34 12.18 -7.36
CA THR A 42 -9.31 11.61 -8.31
C THR A 42 -8.79 11.69 -9.76
N GLY A 43 -8.82 10.56 -10.48
CA GLY A 43 -8.29 10.40 -11.84
C GLY A 43 -9.37 10.18 -12.89
N ILE A 44 -10.03 9.01 -12.85
CA ILE A 44 -11.08 8.54 -13.76
C ILE A 44 -12.43 8.29 -13.04
N LYS A 1 8.77 -11.39 1.12
CA LYS A 1 10.23 -11.66 1.28
C LYS A 1 11.15 -10.50 0.80
N LYS A 2 10.73 -9.22 0.89
CA LYS A 2 11.49 -8.01 0.48
C LYS A 2 12.06 -8.06 -0.94
N VAL A 3 11.30 -8.64 -1.89
CA VAL A 3 11.67 -8.84 -3.31
C VAL A 3 10.74 -8.14 -4.31
N CYS A 4 9.68 -7.52 -3.79
CA CYS A 4 8.67 -6.76 -4.52
C CYS A 4 9.32 -5.52 -5.18
N ALA A 5 9.53 -5.59 -6.51
CA ALA A 5 10.13 -4.54 -7.34
C ALA A 5 9.19 -3.32 -7.55
N CYS A 6 8.75 -2.71 -6.45
CA CYS A 6 7.89 -1.54 -6.40
C CYS A 6 8.55 -0.28 -7.01
N PRO A 7 7.77 0.72 -7.45
CA PRO A 7 8.30 1.95 -8.05
C PRO A 7 9.11 2.79 -7.05
N LYS A 8 10.04 3.62 -7.58
CA LYS A 8 10.91 4.54 -6.83
C LYS A 8 10.15 5.60 -6.00
N ILE A 9 8.93 5.91 -6.44
CA ILE A 9 8.02 6.89 -5.85
C ILE A 9 7.69 6.63 -4.39
N LEU A 10 7.54 7.72 -3.65
CA LEU A 10 7.27 7.78 -2.23
C LEU A 10 5.93 8.51 -2.02
N LYS A 11 4.91 7.75 -1.64
CA LYS A 11 3.53 8.21 -1.38
C LYS A 11 3.09 7.68 0.01
N PRO A 12 3.53 8.33 1.11
CA PRO A 12 3.34 7.83 2.47
C PRO A 12 1.88 7.98 2.93
N VAL A 13 1.06 6.95 2.69
CA VAL A 13 -0.38 6.93 3.02
C VAL A 13 -0.61 6.54 4.48
N CYS A 14 -1.80 6.85 5.01
CA CYS A 14 -2.27 6.38 6.31
C CYS A 14 -2.62 4.87 6.23
N GLY A 15 -1.85 4.01 6.90
CA GLY A 15 -2.09 2.57 6.95
C GLY A 15 -3.39 2.22 7.67
N SER A 16 -4.07 1.16 7.24
CA SER A 16 -5.40 0.77 7.75
C SER A 16 -5.41 0.43 9.25
N ASP A 17 -4.29 -0.09 9.78
CA ASP A 17 -4.07 -0.42 11.20
C ASP A 17 -3.61 0.78 12.07
N GLY A 18 -3.31 1.93 11.44
CA GLY A 18 -2.82 3.16 12.07
C GLY A 18 -1.33 3.47 11.83
N ARG A 19 -0.63 2.62 11.08
CA ARG A 19 0.82 2.69 10.77
C ARG A 19 1.10 3.51 9.50
N THR A 20 2.36 3.51 9.04
CA THR A 20 2.84 4.25 7.85
C THR A 20 3.60 3.32 6.90
N TYR A 21 3.33 3.42 5.59
CA TYR A 21 3.94 2.57 4.55
C TYR A 21 4.36 3.39 3.34
N ALA A 22 5.40 2.95 2.63
CA ALA A 22 6.11 3.76 1.65
C ALA A 22 5.26 4.18 0.44
N ASN A 23 4.50 3.23 -0.13
CA ASN A 23 3.47 3.46 -1.16
C ASN A 23 2.44 2.29 -1.17
N SER A 24 1.42 2.37 -2.03
CA SER A 24 0.38 1.32 -2.16
C SER A 24 0.94 -0.05 -2.57
N CYS A 25 2.05 -0.10 -3.33
CA CYS A 25 2.72 -1.33 -3.74
C CYS A 25 3.22 -2.13 -2.54
N ILE A 26 4.07 -1.52 -1.70
CA ILE A 26 4.62 -2.19 -0.51
C ILE A 26 3.51 -2.65 0.45
N ALA A 27 2.45 -1.83 0.62
CA ALA A 27 1.27 -2.18 1.40
C ALA A 27 0.60 -3.48 0.89
N ARG A 28 0.24 -3.53 -0.40
CA ARG A 28 -0.38 -4.72 -1.03
C ARG A 28 0.53 -5.95 -1.00
N CYS A 29 1.83 -5.79 -1.23
CA CYS A 29 2.80 -6.90 -1.17
C CYS A 29 2.95 -7.46 0.26
N ASN A 30 2.89 -6.61 1.29
CA ASN A 30 2.93 -7.00 2.70
C ASN A 30 1.62 -7.68 3.18
N GLY A 31 0.46 -7.09 2.86
CA GLY A 31 -0.87 -7.59 3.27
C GLY A 31 -1.85 -6.52 3.77
N VAL A 32 -1.74 -5.27 3.30
CA VAL A 32 -2.52 -4.09 3.69
C VAL A 32 -3.10 -3.44 2.43
N SER A 33 -4.23 -2.76 2.58
CA SER A 33 -4.97 -2.06 1.50
C SER A 33 -5.57 -0.74 1.98
N ILE A 34 -5.89 0.15 1.02
CA ILE A 34 -6.38 1.53 1.27
C ILE A 34 -7.85 1.70 0.81
N LYS A 35 -8.38 0.74 0.04
CA LYS A 35 -9.78 0.69 -0.43
C LYS A 35 -10.84 0.69 0.69
N SER A 36 -10.46 0.21 1.89
CA SER A 36 -11.31 0.14 3.09
C SER A 36 -11.72 1.53 3.58
N GLU A 37 -10.75 2.45 3.72
CA GLU A 37 -10.94 3.85 4.09
C GLU A 37 -9.76 4.72 3.63
N GLY A 38 -10.06 5.86 3.01
CA GLY A 38 -9.07 6.81 2.47
C GLY A 38 -9.55 7.47 1.17
N SER A 39 -9.74 6.68 0.11
CA SER A 39 -10.22 7.12 -1.21
C SER A 39 -10.99 6.02 -1.96
N CYS A 40 -11.71 6.42 -3.02
CA CYS A 40 -12.46 5.52 -3.92
C CYS A 40 -12.53 6.10 -5.37
N PRO A 41 -11.40 6.22 -6.09
CA PRO A 41 -11.33 6.80 -7.43
C PRO A 41 -11.99 5.89 -8.49
N THR A 42 -13.19 6.24 -8.94
CA THR A 42 -13.97 5.53 -9.97
C THR A 42 -13.24 5.50 -11.32
N GLY A 43 -13.28 4.36 -12.01
CA GLY A 43 -12.76 4.19 -13.38
C GLY A 43 -13.25 2.88 -14.04
N ILE A 44 -13.10 2.79 -15.37
CA ILE A 44 -13.49 1.65 -16.22
C ILE A 44 -12.55 1.48 -17.44
N LYS A 1 14.74 -15.15 0.03
CA LYS A 1 14.43 -13.70 0.11
C LYS A 1 13.04 -13.38 -0.47
N LYS A 2 12.52 -12.16 -0.24
CA LYS A 2 11.27 -11.63 -0.82
C LYS A 2 11.59 -10.44 -1.75
N VAL A 3 11.04 -10.47 -2.97
CA VAL A 3 11.20 -9.42 -4.01
C VAL A 3 9.84 -9.14 -4.65
N CYS A 4 9.45 -7.87 -4.71
CA CYS A 4 8.16 -7.41 -5.26
C CYS A 4 8.29 -6.35 -6.38
N ALA A 5 9.52 -5.88 -6.65
CA ALA A 5 9.88 -4.89 -7.69
C ALA A 5 9.04 -3.61 -7.71
N CYS A 6 8.55 -3.18 -6.54
CA CYS A 6 7.77 -1.94 -6.36
C CYS A 6 8.59 -0.68 -6.73
N PRO A 7 7.94 0.40 -7.19
CA PRO A 7 8.60 1.57 -7.79
C PRO A 7 9.32 2.52 -6.82
N LYS A 8 9.24 2.27 -5.49
CA LYS A 8 9.85 3.02 -4.38
C LYS A 8 9.46 4.51 -4.27
N ILE A 9 8.50 4.96 -5.09
CA ILE A 9 7.95 6.33 -5.13
C ILE A 9 7.49 6.82 -3.74
N LEU A 10 7.72 8.11 -3.48
CA LEU A 10 7.44 8.81 -2.24
C LEU A 10 5.93 9.16 -2.13
N LYS A 11 5.12 8.27 -1.56
CA LYS A 11 3.67 8.45 -1.34
C LYS A 11 3.20 7.83 0.00
N PRO A 12 3.49 8.46 1.16
CA PRO A 12 3.17 7.94 2.49
C PRO A 12 1.66 7.90 2.78
N VAL A 13 1.03 6.76 2.45
CA VAL A 13 -0.40 6.48 2.63
C VAL A 13 -0.71 5.93 4.03
N CYS A 14 -1.85 6.32 4.59
CA CYS A 14 -2.39 5.78 5.85
C CYS A 14 -2.72 4.27 5.68
N GLY A 15 -2.09 3.41 6.48
CA GLY A 15 -2.32 1.97 6.50
C GLY A 15 -3.37 1.55 7.53
N SER A 16 -4.03 0.40 7.30
CA SER A 16 -5.16 -0.10 8.09
C SER A 16 -4.82 -0.38 9.57
N ASP A 17 -3.55 -0.71 9.89
CA ASP A 17 -3.09 -0.92 11.27
C ASP A 17 -2.89 0.38 12.07
N GLY A 18 -2.93 1.55 11.39
CA GLY A 18 -2.79 2.89 11.95
C GLY A 18 -1.44 3.56 11.67
N ARG A 19 -0.47 2.79 11.15
CA ARG A 19 0.84 3.25 10.67
C ARG A 19 0.80 3.83 9.24
N THR A 20 1.96 4.10 8.67
CA THR A 20 2.14 4.54 7.27
C THR A 20 3.09 3.61 6.50
N TYR A 21 2.99 3.61 5.16
CA TYR A 21 3.79 2.79 4.23
C TYR A 21 4.21 3.62 3.02
N ALA A 22 5.39 3.30 2.46
CA ALA A 22 6.09 4.18 1.53
C ALA A 22 5.29 4.51 0.26
N ASN A 23 4.53 3.55 -0.27
CA ASN A 23 3.52 3.69 -1.33
C ASN A 23 2.48 2.55 -1.29
N SER A 24 1.48 2.61 -2.18
CA SER A 24 0.44 1.58 -2.32
C SER A 24 1.03 0.19 -2.65
N CYS A 25 2.05 0.13 -3.50
CA CYS A 25 2.69 -1.13 -3.91
C CYS A 25 3.27 -1.89 -2.69
N ILE A 26 4.16 -1.22 -1.93
CA ILE A 26 4.75 -1.82 -0.73
C ILE A 26 3.69 -2.23 0.31
N ALA A 27 2.63 -1.43 0.50
CA ALA A 27 1.51 -1.77 1.38
C ALA A 27 0.80 -3.08 0.94
N ARG A 28 0.38 -3.16 -0.33
CA ARG A 28 -0.27 -4.33 -0.93
C ARG A 28 0.60 -5.59 -0.82
N CYS A 29 1.89 -5.48 -1.11
CA CYS A 29 2.83 -6.61 -1.02
C CYS A 29 3.13 -7.03 0.44
N ASN A 30 3.17 -6.09 1.38
CA ASN A 30 3.33 -6.35 2.82
C ASN A 30 2.12 -7.08 3.42
N GLY A 31 0.89 -6.70 3.01
CA GLY A 31 -0.37 -7.33 3.42
C GLY A 31 -1.51 -6.37 3.80
N VAL A 32 -1.47 -5.11 3.34
CA VAL A 32 -2.41 -4.03 3.70
C VAL A 32 -2.98 -3.39 2.43
N SER A 33 -4.21 -2.91 2.54
CA SER A 33 -5.03 -2.31 1.47
C SER A 33 -5.45 -0.86 1.81
N ILE A 34 -6.04 -0.16 0.84
CA ILE A 34 -6.44 1.25 0.93
C ILE A 34 -7.83 1.41 0.27
N LYS A 35 -8.84 1.63 1.11
CA LYS A 35 -10.25 1.87 0.73
C LYS A 35 -10.41 3.08 -0.20
N SER A 36 -9.65 4.16 0.06
CA SER A 36 -9.58 5.41 -0.72
C SER A 36 -10.93 6.11 -0.96
N GLU A 37 -11.91 5.86 -0.08
CA GLU A 37 -13.32 6.29 -0.20
C GLU A 37 -13.49 7.82 -0.29
N GLY A 38 -12.63 8.58 0.41
CA GLY A 38 -12.65 10.05 0.42
C GLY A 38 -11.81 10.73 -0.67
N SER A 39 -11.11 9.96 -1.50
CA SER A 39 -10.15 10.45 -2.51
C SER A 39 -10.81 10.75 -3.88
N CYS A 40 -10.03 11.32 -4.80
CA CYS A 40 -10.41 11.59 -6.20
C CYS A 40 -9.39 10.96 -7.19
N PRO A 41 -9.36 9.62 -7.32
CA PRO A 41 -8.44 8.94 -8.23
C PRO A 41 -8.79 9.15 -9.71
N THR A 42 -7.81 8.97 -10.60
CA THR A 42 -7.94 9.13 -12.07
C THR A 42 -7.90 7.79 -12.84
N GLY A 43 -7.50 6.70 -12.18
CA GLY A 43 -7.34 5.36 -12.77
C GLY A 43 -8.36 4.32 -12.30
N ILE A 44 -8.42 4.06 -10.99
CA ILE A 44 -9.24 3.01 -10.33
C ILE A 44 -9.98 3.53 -9.09
N LYS A 1 16.73 -15.60 -1.98
CA LYS A 1 15.67 -14.63 -1.56
C LYS A 1 15.06 -13.89 -2.75
N LYS A 2 13.90 -13.24 -2.55
CA LYS A 2 13.21 -12.35 -3.51
C LYS A 2 12.91 -10.98 -2.89
N VAL A 3 12.45 -10.03 -3.70
CA VAL A 3 12.02 -8.67 -3.30
C VAL A 3 10.79 -8.25 -4.14
N CYS A 4 9.81 -7.56 -3.55
CA CYS A 4 8.64 -7.05 -4.27
C CYS A 4 9.02 -5.94 -5.27
N ALA A 5 8.68 -6.10 -6.55
CA ALA A 5 9.06 -5.24 -7.68
C ALA A 5 8.34 -3.87 -7.77
N CYS A 6 8.00 -3.27 -6.62
CA CYS A 6 7.33 -1.98 -6.52
C CYS A 6 8.18 -0.79 -7.05
N PRO A 7 7.55 0.30 -7.53
CA PRO A 7 8.25 1.51 -7.98
C PRO A 7 8.84 2.31 -6.81
N LYS A 8 9.91 3.08 -7.10
CA LYS A 8 10.65 3.92 -6.14
C LYS A 8 9.94 5.24 -5.78
N ILE A 9 8.77 5.51 -6.37
CA ILE A 9 7.89 6.66 -6.08
C ILE A 9 7.61 6.78 -4.58
N LEU A 10 8.00 7.92 -4.04
CA LEU A 10 7.83 8.35 -2.67
C LEU A 10 6.44 8.98 -2.49
N LYS A 11 5.51 8.22 -1.89
CA LYS A 11 4.22 8.75 -1.38
C LYS A 11 3.78 7.97 -0.14
N PRO A 12 4.14 8.41 1.08
CA PRO A 12 3.60 7.80 2.29
C PRO A 12 2.09 8.01 2.39
N VAL A 13 1.37 6.97 2.80
CA VAL A 13 -0.08 6.90 2.96
C VAL A 13 -0.44 6.10 4.22
N CYS A 14 -1.66 6.30 4.74
CA CYS A 14 -2.23 5.49 5.83
C CYS A 14 -2.63 4.08 5.34
N GLY A 15 -2.56 3.08 6.23
CA GLY A 15 -3.09 1.73 6.04
C GLY A 15 -4.08 1.32 7.15
N SER A 16 -4.96 0.37 6.84
CA SER A 16 -6.16 0.01 7.61
C SER A 16 -5.94 -0.25 9.11
N ASP A 17 -4.85 -0.94 9.47
CA ASP A 17 -4.50 -1.29 10.86
C ASP A 17 -4.03 -0.10 11.73
N GLY A 18 -3.87 1.10 11.16
CA GLY A 18 -3.31 2.29 11.81
C GLY A 18 -1.80 2.30 11.68
N ARG A 19 -1.32 2.35 10.44
CA ARG A 19 0.09 2.23 10.02
C ARG A 19 0.40 3.17 8.86
N THR A 20 1.68 3.33 8.53
CA THR A 20 2.20 4.05 7.37
C THR A 20 3.26 3.23 6.64
N TYR A 21 3.30 3.35 5.31
CA TYR A 21 4.24 2.64 4.42
C TYR A 21 4.71 3.54 3.28
N ALA A 22 5.87 3.23 2.69
CA ALA A 22 6.60 4.15 1.81
C ALA A 22 5.86 4.51 0.50
N ASN A 23 5.07 3.58 -0.03
CA ASN A 23 4.16 3.78 -1.16
C ASN A 23 2.93 2.84 -1.06
N SER A 24 1.90 3.06 -1.87
CA SER A 24 0.71 2.21 -1.98
C SER A 24 1.04 0.77 -2.34
N CYS A 25 1.96 0.56 -3.29
CA CYS A 25 2.43 -0.75 -3.73
C CYS A 25 2.99 -1.58 -2.56
N ILE A 26 3.97 -1.02 -1.85
CA ILE A 26 4.63 -1.72 -0.74
C ILE A 26 3.66 -2.07 0.40
N ALA A 27 2.67 -1.21 0.70
CA ALA A 27 1.60 -1.51 1.67
C ALA A 27 0.84 -2.79 1.29
N ARG A 28 0.33 -2.83 0.06
CA ARG A 28 -0.37 -4.00 -0.53
C ARG A 28 0.52 -5.26 -0.48
N CYS A 29 1.77 -5.16 -0.94
CA CYS A 29 2.70 -6.29 -1.00
C CYS A 29 3.06 -6.85 0.39
N ASN A 30 3.24 -5.97 1.38
CA ASN A 30 3.48 -6.33 2.78
C ASN A 30 2.26 -7.00 3.43
N GLY A 31 1.04 -6.62 3.04
CA GLY A 31 -0.22 -7.29 3.43
C GLY A 31 -1.33 -6.37 3.97
N VAL A 32 -1.27 -5.05 3.75
CA VAL A 32 -2.26 -4.07 4.23
C VAL A 32 -2.94 -3.35 3.06
N SER A 33 -4.25 -3.28 3.17
CA SER A 33 -5.18 -2.68 2.21
C SER A 33 -5.22 -1.14 2.31
N ILE A 34 -5.78 -0.49 1.29
CA ILE A 34 -5.91 0.97 1.17
C ILE A 34 -7.33 1.31 0.70
N LYS A 35 -8.17 1.68 1.67
CA LYS A 35 -9.59 2.05 1.50
C LYS A 35 -9.80 3.55 1.18
N SER A 36 -8.76 4.37 1.37
CA SER A 36 -8.71 5.79 1.01
C SER A 36 -8.30 5.97 -0.45
N GLU A 37 -9.18 6.58 -1.23
CA GLU A 37 -8.93 7.06 -2.60
C GLU A 37 -7.85 8.16 -2.67
N GLY A 38 -7.49 8.79 -1.55
CA GLY A 38 -6.46 9.83 -1.42
C GLY A 38 -5.02 9.29 -1.42
N SER A 39 -4.63 8.59 -2.49
CA SER A 39 -3.31 7.99 -2.70
C SER A 39 -2.83 8.13 -4.16
N CYS A 40 -1.55 7.83 -4.42
CA CYS A 40 -0.97 7.79 -5.78
C CYS A 40 -1.59 6.67 -6.65
N PRO A 41 -1.49 6.78 -8.00
CA PRO A 41 -1.96 5.74 -8.93
C PRO A 41 -1.10 4.47 -8.85
N THR A 42 -1.61 3.37 -9.41
CA THR A 42 -1.02 2.03 -9.39
C THR A 42 -1.14 1.35 -10.76
N GLY A 43 -0.11 0.58 -11.16
CA GLY A 43 -0.06 -0.18 -12.41
C GLY A 43 -0.80 -1.52 -12.37
N ILE A 44 -0.63 -2.32 -13.44
CA ILE A 44 -1.21 -3.66 -13.64
C ILE A 44 -0.12 -4.74 -13.44
N LYS A 1 16.56 -12.28 -6.19
CA LYS A 1 16.14 -12.16 -4.76
C LYS A 1 14.63 -11.93 -4.67
N LYS A 2 13.97 -12.51 -3.64
CA LYS A 2 12.53 -12.33 -3.35
C LYS A 2 12.25 -10.92 -2.78
N VAL A 3 11.87 -9.96 -3.63
CA VAL A 3 11.56 -8.57 -3.27
C VAL A 3 10.39 -8.00 -4.09
N CYS A 4 9.59 -7.11 -3.48
CA CYS A 4 8.52 -6.35 -4.13
C CYS A 4 9.10 -5.35 -5.15
N ALA A 5 8.86 -5.53 -6.45
CA ALA A 5 9.35 -4.65 -7.53
C ALA A 5 8.58 -3.30 -7.63
N CYS A 6 8.59 -2.53 -6.55
CA CYS A 6 7.88 -1.25 -6.41
C CYS A 6 8.49 -0.10 -7.27
N PRO A 7 7.72 0.98 -7.56
CA PRO A 7 8.20 2.12 -8.34
C PRO A 7 9.23 3.00 -7.59
N LYS A 8 9.92 3.87 -8.34
CA LYS A 8 10.88 4.87 -7.80
C LYS A 8 10.23 5.99 -6.98
N ILE A 9 8.98 6.30 -7.29
CA ILE A 9 8.08 7.28 -6.63
C ILE A 9 7.86 6.92 -5.15
N LEU A 10 7.39 7.89 -4.37
CA LEU A 10 7.29 7.84 -2.91
C LEU A 10 6.00 8.54 -2.47
N LYS A 11 4.98 7.75 -2.13
CA LYS A 11 3.68 8.20 -1.57
C LYS A 11 3.52 7.65 -0.14
N PRO A 12 4.06 8.33 0.89
CA PRO A 12 4.04 7.88 2.28
C PRO A 12 2.63 8.03 2.91
N VAL A 13 1.77 7.07 2.61
CA VAL A 13 0.35 7.01 3.01
C VAL A 13 0.14 6.39 4.40
N CYS A 14 -1.06 6.59 4.96
CA CYS A 14 -1.60 5.76 6.04
C CYS A 14 -1.94 4.33 5.57
N GLY A 15 -2.32 3.46 6.49
CA GLY A 15 -2.82 2.09 6.23
C GLY A 15 -3.84 1.66 7.29
N SER A 16 -4.71 0.71 6.94
CA SER A 16 -5.97 0.41 7.65
C SER A 16 -5.81 0.08 9.15
N ASP A 17 -4.73 -0.62 9.52
CA ASP A 17 -4.44 -1.01 10.92
C ASP A 17 -4.00 0.17 11.83
N GLY A 18 -3.76 1.35 11.26
CA GLY A 18 -3.35 2.58 11.96
C GLY A 18 -1.87 2.96 11.75
N ARG A 19 -1.19 2.32 10.79
CA ARG A 19 0.26 2.42 10.55
C ARG A 19 0.55 2.92 9.14
N THR A 20 1.49 3.87 9.00
CA THR A 20 1.92 4.43 7.71
C THR A 20 2.83 3.48 6.92
N TYR A 21 2.81 3.58 5.59
CA TYR A 21 3.60 2.76 4.66
C TYR A 21 4.17 3.56 3.49
N ALA A 22 5.35 3.12 3.00
CA ALA A 22 6.19 3.91 2.11
C ALA A 22 5.59 4.09 0.69
N ASN A 23 4.87 3.08 0.19
CA ASN A 23 4.00 3.14 -0.98
C ASN A 23 2.77 2.22 -0.80
N SER A 24 1.79 2.33 -1.71
CA SER A 24 0.72 1.33 -1.87
C SER A 24 1.25 -0.07 -2.19
N CYS A 25 2.33 -0.15 -2.96
CA CYS A 25 3.07 -1.36 -3.30
C CYS A 25 3.49 -2.15 -2.05
N ILE A 26 4.33 -1.56 -1.19
CA ILE A 26 4.83 -2.24 0.02
C ILE A 26 3.68 -2.67 0.96
N ALA A 27 2.61 -1.87 1.08
CA ALA A 27 1.41 -2.24 1.84
C ALA A 27 0.75 -3.51 1.28
N ARG A 28 0.42 -3.53 -0.02
CA ARG A 28 -0.19 -4.67 -0.73
C ARG A 28 0.71 -5.92 -0.73
N CYS A 29 2.02 -5.75 -0.90
CA CYS A 29 3.02 -6.82 -0.82
C CYS A 29 3.06 -7.46 0.59
N ASN A 30 3.03 -6.63 1.64
CA ASN A 30 3.03 -7.05 3.04
C ASN A 30 1.71 -7.77 3.46
N GLY A 31 0.55 -7.19 3.11
CA GLY A 31 -0.78 -7.72 3.44
C GLY A 31 -1.81 -6.70 3.93
N VAL A 32 -1.69 -5.43 3.55
CA VAL A 32 -2.57 -4.30 3.92
C VAL A 32 -3.08 -3.64 2.63
N SER A 33 -4.21 -2.96 2.74
CA SER A 33 -4.90 -2.23 1.65
C SER A 33 -5.36 -0.83 2.10
N ILE A 34 -5.95 -0.06 1.18
CA ILE A 34 -6.29 1.36 1.32
C ILE A 34 -7.64 1.61 0.64
N LYS A 35 -8.67 1.81 1.46
CA LYS A 35 -10.03 2.18 1.01
C LYS A 35 -10.07 3.53 0.26
N SER A 36 -9.14 4.43 0.57
CA SER A 36 -9.00 5.76 -0.04
C SER A 36 -8.70 5.72 -1.55
N GLU A 37 -7.76 4.87 -1.97
CA GLU A 37 -7.37 4.68 -3.38
C GLU A 37 -6.78 3.28 -3.64
N GLY A 38 -7.27 2.60 -4.68
CA GLY A 38 -6.86 1.23 -5.03
C GLY A 38 -7.80 0.53 -6.01
N SER A 39 -8.01 1.13 -7.19
CA SER A 39 -8.83 0.58 -8.29
C SER A 39 -8.23 -0.68 -8.92
N CYS A 40 -9.06 -1.48 -9.61
CA CYS A 40 -8.65 -2.67 -10.35
C CYS A 40 -7.84 -2.34 -11.63
N PRO A 41 -7.00 -3.27 -12.13
CA PRO A 41 -6.28 -3.11 -13.40
C PRO A 41 -7.22 -3.21 -14.62
N THR A 42 -6.74 -2.76 -15.78
CA THR A 42 -7.43 -2.88 -17.08
C THR A 42 -7.35 -4.28 -17.71
N GLY A 43 -6.43 -5.13 -17.22
CA GLY A 43 -6.16 -6.49 -17.68
C GLY A 43 -6.52 -7.56 -16.64
N ILE A 44 -5.89 -8.75 -16.77
CA ILE A 44 -6.04 -9.93 -15.89
C ILE A 44 -4.79 -10.10 -15.01
N LYS A 1 16.62 -13.36 -0.15
CA LYS A 1 15.23 -13.13 0.32
C LYS A 1 14.36 -12.53 -0.78
N LYS A 2 13.05 -12.81 -0.76
CA LYS A 2 12.03 -12.22 -1.65
C LYS A 2 11.92 -10.70 -1.45
N VAL A 3 11.72 -9.94 -2.53
CA VAL A 3 11.50 -8.48 -2.54
C VAL A 3 10.44 -8.12 -3.58
N CYS A 4 9.44 -7.33 -3.18
CA CYS A 4 8.39 -6.80 -4.06
C CYS A 4 8.96 -5.78 -5.06
N ALA A 5 8.73 -5.96 -6.36
CA ALA A 5 9.17 -5.07 -7.45
C ALA A 5 8.37 -3.73 -7.53
N CYS A 6 7.91 -3.23 -6.39
CA CYS A 6 7.17 -1.97 -6.24
C CYS A 6 8.01 -0.72 -6.63
N PRO A 7 7.36 0.43 -6.91
CA PRO A 7 8.05 1.71 -7.11
C PRO A 7 8.69 2.23 -5.80
N LYS A 8 9.51 3.28 -5.92
CA LYS A 8 10.10 4.05 -4.81
C LYS A 8 9.48 5.46 -4.64
N ILE A 9 8.49 5.78 -5.47
CA ILE A 9 7.75 7.05 -5.49
C ILE A 9 7.20 7.40 -4.10
N LEU A 10 7.43 8.64 -3.68
CA LEU A 10 7.14 9.22 -2.38
C LEU A 10 5.61 9.37 -2.17
N LYS A 11 4.99 8.41 -1.47
CA LYS A 11 3.54 8.34 -1.19
C LYS A 11 3.26 7.85 0.24
N PRO A 12 3.48 8.68 1.28
CA PRO A 12 3.29 8.30 2.69
C PRO A 12 1.80 8.03 3.02
N VAL A 13 1.41 6.75 3.09
CA VAL A 13 0.05 6.28 3.33
C VAL A 13 -0.05 5.28 4.48
N CYS A 14 -1.25 5.13 5.04
CA CYS A 14 -1.55 4.18 6.11
C CYS A 14 -1.97 2.81 5.55
N GLY A 15 -1.24 1.75 5.95
CA GLY A 15 -1.58 0.35 5.66
C GLY A 15 -2.67 -0.19 6.57
N SER A 16 -3.83 0.49 6.60
CA SER A 16 -5.02 0.27 7.44
C SER A 16 -4.81 0.25 8.98
N ASP A 17 -3.58 0.19 9.47
CA ASP A 17 -3.22 0.14 10.91
C ASP A 17 -2.88 1.52 11.52
N GLY A 18 -2.59 2.52 10.69
CA GLY A 18 -2.29 3.91 11.11
C GLY A 18 -0.81 4.31 11.01
N ARG A 19 0.03 3.39 10.51
CA ARG A 19 1.46 3.53 10.18
C ARG A 19 1.68 4.47 8.97
N THR A 20 2.92 4.64 8.55
CA THR A 20 3.32 5.44 7.37
C THR A 20 4.24 4.61 6.46
N TYR A 21 3.64 3.81 5.56
CA TYR A 21 4.35 3.06 4.52
C TYR A 21 4.80 3.95 3.37
N ALA A 22 5.86 3.52 2.68
CA ALA A 22 6.56 4.31 1.69
C ALA A 22 5.68 4.66 0.46
N ASN A 23 4.84 3.70 0.04
CA ASN A 23 3.81 3.84 -1.00
C ASN A 23 2.64 2.86 -0.79
N SER A 24 1.63 2.91 -1.67
CA SER A 24 0.49 1.98 -1.63
C SER A 24 0.83 0.54 -2.06
N CYS A 25 1.81 0.38 -2.96
CA CYS A 25 2.27 -0.93 -3.43
C CYS A 25 2.88 -1.77 -2.31
N ILE A 26 3.80 -1.20 -1.53
CA ILE A 26 4.44 -1.90 -0.41
C ILE A 26 3.42 -2.39 0.63
N ALA A 27 2.39 -1.59 0.94
CA ALA A 27 1.29 -1.97 1.84
C ALA A 27 0.44 -3.12 1.27
N ARG A 28 0.08 -3.07 -0.02
CA ARG A 28 -0.56 -4.18 -0.75
C ARG A 28 0.27 -5.47 -0.68
N CYS A 29 1.55 -5.39 -1.03
CA CYS A 29 2.46 -6.55 -1.03
C CYS A 29 2.68 -7.16 0.37
N ASN A 30 2.74 -6.33 1.42
CA ASN A 30 2.87 -6.76 2.81
C ASN A 30 1.67 -7.61 3.31
N GLY A 31 0.47 -7.36 2.77
CA GLY A 31 -0.75 -8.14 3.07
C GLY A 31 -2.03 -7.32 3.33
N VAL A 32 -2.02 -6.00 3.09
CA VAL A 32 -3.15 -5.09 3.35
C VAL A 32 -3.81 -4.65 2.03
N SER A 33 -4.71 -3.67 2.11
CA SER A 33 -5.42 -2.99 1.01
C SER A 33 -5.70 -1.52 1.39
N ILE A 34 -6.09 -0.71 0.39
CA ILE A 34 -6.55 0.67 0.57
C ILE A 34 -7.71 0.93 -0.39
N LYS A 35 -8.93 0.97 0.14
CA LYS A 35 -10.18 1.27 -0.58
C LYS A 35 -10.61 2.75 -0.47
N SER A 36 -10.02 3.51 0.45
CA SER A 36 -10.32 4.92 0.76
C SER A 36 -9.71 5.94 -0.23
N GLU A 37 -9.57 5.54 -1.49
CA GLU A 37 -9.08 6.37 -2.60
C GLU A 37 -9.94 7.63 -2.86
N GLY A 38 -9.36 8.62 -3.53
CA GLY A 38 -9.98 9.92 -3.82
C GLY A 38 -11.05 9.91 -4.93
N SER A 39 -11.07 8.85 -5.74
CA SER A 39 -12.06 8.58 -6.80
C SER A 39 -12.16 7.06 -7.09
N CYS A 40 -13.00 6.66 -8.05
CA CYS A 40 -13.22 5.28 -8.50
C CYS A 40 -13.45 4.26 -7.35
N PRO A 41 -14.60 4.33 -6.65
CA PRO A 41 -14.92 3.44 -5.53
C PRO A 41 -15.14 1.98 -5.97
N THR A 42 -15.10 1.05 -5.00
CA THR A 42 -15.13 -0.41 -5.21
C THR A 42 -16.19 -1.15 -4.37
N GLY A 43 -17.00 -0.40 -3.58
CA GLY A 43 -18.12 -0.92 -2.78
C GLY A 43 -18.11 -0.36 -1.36
N ILE A 44 -17.25 -0.93 -0.50
CA ILE A 44 -17.02 -0.56 0.92
C ILE A 44 -15.53 -0.39 1.26
N LYS A 1 14.03 -16.85 -3.55
CA LYS A 1 14.58 -15.48 -3.34
C LYS A 1 14.01 -14.51 -4.39
N LYS A 2 12.91 -13.80 -4.05
CA LYS A 2 12.24 -12.77 -4.88
C LYS A 2 11.76 -11.60 -4.02
N VAL A 3 11.45 -10.45 -4.64
CA VAL A 3 10.98 -9.21 -4.01
C VAL A 3 9.88 -8.54 -4.85
N CYS A 4 8.92 -7.89 -4.20
CA CYS A 4 7.87 -7.07 -4.83
C CYS A 4 8.46 -5.89 -5.63
N ALA A 5 8.24 -5.86 -6.95
CA ALA A 5 8.76 -4.87 -7.91
C ALA A 5 8.08 -3.47 -7.82
N CYS A 6 7.75 -3.00 -6.62
CA CYS A 6 7.10 -1.72 -6.35
C CYS A 6 7.96 -0.49 -6.74
N PRO A 7 7.34 0.68 -7.00
CA PRO A 7 8.05 1.90 -7.40
C PRO A 7 8.86 2.54 -6.26
N LYS A 8 9.84 3.37 -6.63
CA LYS A 8 10.72 4.13 -5.71
C LYS A 8 10.13 5.49 -5.28
N ILE A 9 9.05 5.93 -5.93
CA ILE A 9 8.32 7.19 -5.66
C ILE A 9 7.87 7.25 -4.18
N LEU A 10 7.83 8.44 -3.59
CA LEU A 10 7.33 8.66 -2.23
C LEU A 10 5.81 8.95 -2.24
N LYS A 11 5.01 8.04 -1.68
CA LYS A 11 3.59 8.27 -1.36
C LYS A 11 3.27 7.73 0.05
N PRO A 12 3.67 8.45 1.13
CA PRO A 12 3.46 8.03 2.51
C PRO A 12 1.97 8.06 2.93
N VAL A 13 1.27 6.96 2.65
CA VAL A 13 -0.16 6.76 2.91
C VAL A 13 -0.44 6.25 4.34
N CYS A 14 -1.65 6.52 4.83
CA CYS A 14 -2.20 5.93 6.06
C CYS A 14 -2.70 4.49 5.79
N GLY A 15 -2.00 3.49 6.30
CA GLY A 15 -2.39 2.08 6.24
C GLY A 15 -3.49 1.71 7.25
N SER A 16 -4.27 0.68 6.92
CA SER A 16 -5.48 0.28 7.66
C SER A 16 -5.23 -0.07 9.14
N ASP A 17 -4.07 -0.64 9.46
CA ASP A 17 -3.64 -0.97 10.84
C ASP A 17 -3.21 0.26 11.68
N GLY A 18 -3.20 1.47 11.11
CA GLY A 18 -2.85 2.73 11.78
C GLY A 18 -1.40 3.15 11.61
N ARG A 19 -0.70 2.60 10.60
CA ARG A 19 0.75 2.77 10.35
C ARG A 19 1.00 3.35 8.95
N THR A 20 2.12 4.03 8.74
CA THR A 20 2.51 4.59 7.44
C THR A 20 3.31 3.58 6.60
N TYR A 21 3.14 3.64 5.27
CA TYR A 21 3.84 2.80 4.28
C TYR A 21 4.26 3.62 3.06
N ALA A 22 5.39 3.25 2.45
CA ALA A 22 6.09 4.08 1.47
C ALA A 22 5.28 4.33 0.18
N ASN A 23 4.48 3.35 -0.23
CA ASN A 23 3.45 3.43 -1.27
C ASN A 23 2.25 2.51 -0.91
N SER A 24 1.16 2.57 -1.69
CA SER A 24 0.09 1.56 -1.67
C SER A 24 0.58 0.17 -2.12
N CYS A 25 1.53 0.11 -3.07
CA CYS A 25 2.15 -1.13 -3.54
C CYS A 25 2.80 -1.93 -2.41
N ILE A 26 3.71 -1.30 -1.66
CA ILE A 26 4.41 -1.98 -0.56
C ILE A 26 3.46 -2.43 0.56
N ALA A 27 2.36 -1.71 0.80
CA ALA A 27 1.29 -2.16 1.70
C ALA A 27 0.69 -3.50 1.23
N ARG A 28 0.33 -3.62 -0.06
CA ARG A 28 -0.18 -4.88 -0.65
C ARG A 28 0.85 -6.01 -0.60
N CYS A 29 2.15 -5.70 -0.74
CA CYS A 29 3.26 -6.65 -0.53
C CYS A 29 3.30 -7.16 0.91
N ASN A 30 3.22 -6.25 1.89
CA ASN A 30 3.22 -6.58 3.32
C ASN A 30 1.95 -7.34 3.78
N GLY A 31 0.80 -7.09 3.15
CA GLY A 31 -0.49 -7.75 3.44
C GLY A 31 -1.60 -6.80 3.94
N VAL A 32 -1.57 -5.53 3.55
CA VAL A 32 -2.48 -4.45 3.96
C VAL A 32 -3.01 -3.73 2.70
N SER A 33 -4.18 -3.13 2.82
CA SER A 33 -4.87 -2.38 1.75
C SER A 33 -5.10 -0.91 2.13
N ILE A 34 -5.26 -0.06 1.11
CA ILE A 34 -5.33 1.42 1.22
C ILE A 34 -6.59 2.00 0.54
N LYS A 35 -7.28 1.19 -0.28
CA LYS A 35 -8.56 1.43 -1.00
C LYS A 35 -8.72 2.76 -1.76
N SER A 36 -7.59 3.37 -2.08
CA SER A 36 -7.44 4.70 -2.71
C SER A 36 -8.16 4.83 -4.05
N GLU A 37 -8.11 3.80 -4.90
CA GLU A 37 -8.81 3.73 -6.19
C GLU A 37 -9.25 2.29 -6.52
N GLY A 38 -10.23 2.14 -7.41
CA GLY A 38 -10.81 0.86 -7.85
C GLY A 38 -10.01 0.18 -8.97
N SER A 39 -8.74 -0.14 -8.71
CA SER A 39 -7.85 -0.83 -9.66
C SER A 39 -8.33 -2.26 -10.00
N CYS A 40 -7.88 -2.79 -11.14
CA CYS A 40 -8.25 -4.11 -11.67
C CYS A 40 -7.05 -4.82 -12.33
N PRO A 41 -6.04 -5.27 -11.55
CA PRO A 41 -4.89 -6.01 -12.07
C PRO A 41 -5.25 -7.43 -12.54
N THR A 42 -4.38 -8.04 -13.34
CA THR A 42 -4.46 -9.45 -13.77
C THR A 42 -3.95 -10.42 -12.70
N GLY A 43 -4.15 -11.73 -12.91
CA GLY A 43 -3.62 -12.79 -12.02
C GLY A 43 -4.40 -13.01 -10.72
N ILE A 44 -5.65 -12.54 -10.65
CA ILE A 44 -6.56 -12.57 -9.49
C ILE A 44 -7.87 -13.34 -9.78
N LYS A 1 10.44 -15.75 -10.15
CA LYS A 1 10.86 -15.11 -8.87
C LYS A 1 9.73 -14.21 -8.34
N LYS A 2 9.06 -14.63 -7.25
CA LYS A 2 7.95 -13.90 -6.59
C LYS A 2 8.48 -12.75 -5.73
N VAL A 3 8.59 -11.55 -6.32
CA VAL A 3 9.13 -10.33 -5.67
C VAL A 3 8.35 -9.06 -6.06
N CYS A 4 8.24 -8.12 -5.12
CA CYS A 4 7.55 -6.84 -5.27
C CYS A 4 8.54 -5.73 -5.69
N ALA A 5 8.69 -5.51 -7.00
CA ALA A 5 9.56 -4.50 -7.60
C ALA A 5 8.98 -3.05 -7.49
N CYS A 6 8.65 -2.63 -6.27
CA CYS A 6 8.04 -1.33 -5.95
C CYS A 6 8.99 -0.14 -6.26
N PRO A 7 8.45 1.06 -6.57
CA PRO A 7 9.26 2.24 -6.88
C PRO A 7 9.95 2.83 -5.63
N LYS A 8 11.11 3.48 -5.84
CA LYS A 8 11.87 4.20 -4.81
C LYS A 8 11.20 5.52 -4.36
N ILE A 9 10.33 6.09 -5.21
CA ILE A 9 9.59 7.33 -4.95
C ILE A 9 8.57 7.12 -3.82
N LEU A 10 8.62 7.99 -2.81
CA LEU A 10 7.66 8.04 -1.70
C LEU A 10 6.28 8.52 -2.17
N LYS A 11 5.21 7.80 -1.79
CA LYS A 11 3.82 8.16 -2.07
C LYS A 11 2.86 7.61 -0.98
N PRO A 12 2.98 8.06 0.29
CA PRO A 12 2.18 7.53 1.38
C PRO A 12 0.68 7.85 1.23
N VAL A 13 -0.19 7.00 1.80
CA VAL A 13 -1.65 7.10 1.64
C VAL A 13 -2.39 6.94 2.96
N CYS A 14 -2.36 5.73 3.51
CA CYS A 14 -3.09 5.30 4.70
C CYS A 14 -2.27 4.33 5.58
N GLY A 15 -2.89 3.78 6.63
CA GLY A 15 -2.24 2.91 7.61
C GLY A 15 -3.22 2.10 8.46
N SER A 16 -3.62 0.91 8.00
CA SER A 16 -4.49 -0.01 8.75
C SER A 16 -3.95 -0.39 10.14
N ASP A 17 -2.62 -0.57 10.27
CA ASP A 17 -1.92 -0.82 11.55
C ASP A 17 -1.69 0.46 12.40
N GLY A 18 -2.03 1.64 11.88
CA GLY A 18 -1.77 2.95 12.49
C GLY A 18 -0.46 3.62 12.02
N ARG A 19 0.19 3.08 10.98
CA ARG A 19 1.48 3.52 10.42
C ARG A 19 1.38 3.87 8.93
N THR A 20 1.97 4.98 8.51
CA THR A 20 2.05 5.43 7.10
C THR A 20 2.91 4.49 6.25
N TYR A 21 2.29 3.75 5.33
CA TYR A 21 3.02 2.90 4.38
C TYR A 21 3.65 3.71 3.25
N ALA A 22 4.72 3.17 2.65
CA ALA A 22 5.54 3.94 1.72
C ALA A 22 4.82 4.30 0.41
N ASN A 23 4.08 3.34 -0.17
CA ASN A 23 3.20 3.49 -1.34
C ASN A 23 2.18 2.34 -1.42
N SER A 24 1.29 2.35 -2.43
CA SER A 24 0.27 1.30 -2.62
C SER A 24 0.85 -0.08 -2.92
N CYS A 25 2.05 -0.14 -3.51
CA CYS A 25 2.77 -1.38 -3.81
C CYS A 25 3.13 -2.15 -2.53
N ILE A 26 3.85 -1.49 -1.60
CA ILE A 26 4.26 -2.13 -0.34
C ILE A 26 3.05 -2.61 0.49
N ALA A 27 1.93 -1.88 0.47
CA ALA A 27 0.68 -2.27 1.14
C ALA A 27 0.16 -3.62 0.62
N ARG A 28 -0.11 -3.74 -0.69
CA ARG A 28 -0.54 -5.01 -1.33
C ARG A 28 0.47 -6.14 -1.17
N CYS A 29 1.76 -5.83 -1.27
CA CYS A 29 2.86 -6.79 -1.06
C CYS A 29 2.85 -7.40 0.35
N ASN A 30 2.76 -6.54 1.38
CA ASN A 30 2.79 -6.92 2.79
C ASN A 30 1.53 -7.67 3.25
N GLY A 31 0.34 -7.24 2.78
CA GLY A 31 -0.96 -7.87 3.08
C GLY A 31 -2.05 -6.90 3.58
N VAL A 32 -2.02 -5.65 3.14
CA VAL A 32 -2.91 -4.56 3.56
C VAL A 32 -3.67 -4.01 2.33
N SER A 33 -4.54 -3.03 2.54
CA SER A 33 -5.39 -2.41 1.51
C SER A 33 -5.49 -0.88 1.64
N ILE A 34 -5.87 -0.22 0.54
CA ILE A 34 -5.92 1.26 0.42
C ILE A 34 -7.27 1.83 0.88
N LYS A 35 -8.32 1.00 0.85
CA LYS A 35 -9.70 1.30 1.26
C LYS A 35 -9.90 1.51 2.78
N SER A 36 -8.83 1.34 3.57
CA SER A 36 -8.77 1.48 5.03
C SER A 36 -9.36 2.81 5.55
N GLU A 37 -9.06 3.92 4.86
CA GLU A 37 -9.65 5.25 5.13
C GLU A 37 -9.66 6.13 3.87
N GLY A 38 -8.50 6.29 3.21
CA GLY A 38 -8.31 7.08 2.00
C GLY A 38 -8.82 6.40 0.72
N SER A 39 -10.14 6.20 0.64
CA SER A 39 -10.84 5.65 -0.53
C SER A 39 -10.58 6.49 -1.80
N CYS A 40 -9.99 5.86 -2.82
CA CYS A 40 -9.63 6.48 -4.11
C CYS A 40 -10.36 5.78 -5.30
N PRO A 41 -10.49 6.44 -6.46
CA PRO A 41 -11.12 5.86 -7.65
C PRO A 41 -10.24 4.80 -8.32
N THR A 42 -10.48 3.53 -8.00
CA THR A 42 -9.79 2.35 -8.57
C THR A 42 -9.94 2.28 -10.09
N GLY A 43 -8.83 2.09 -10.82
CA GLY A 43 -8.78 2.06 -12.29
C GLY A 43 -9.26 0.74 -12.90
N ILE A 44 -8.47 -0.33 -12.72
CA ILE A 44 -8.70 -1.70 -13.24
C ILE A 44 -8.26 -2.78 -12.23
N LYS A 1 14.57 -15.90 -5.43
CA LYS A 1 14.56 -14.48 -4.95
C LYS A 1 13.29 -13.76 -5.43
N LYS A 2 12.13 -14.06 -4.83
CA LYS A 2 10.81 -13.48 -5.19
C LYS A 2 10.46 -12.31 -4.26
N VAL A 3 10.59 -11.08 -4.75
CA VAL A 3 10.34 -9.81 -4.02
C VAL A 3 9.41 -8.92 -4.85
N CYS A 4 8.47 -8.24 -4.18
CA CYS A 4 7.44 -7.41 -4.83
C CYS A 4 8.01 -6.17 -5.54
N ALA A 5 7.83 -6.09 -6.86
CA ALA A 5 8.39 -5.07 -7.77
C ALA A 5 7.71 -3.68 -7.70
N CYS A 6 7.23 -3.28 -6.52
CA CYS A 6 6.62 -1.97 -6.26
C CYS A 6 7.62 -0.80 -6.45
N PRO A 7 7.13 0.44 -6.71
CA PRO A 7 7.97 1.63 -6.75
C PRO A 7 8.49 2.04 -5.37
N LYS A 8 9.40 3.04 -5.34
CA LYS A 8 10.04 3.60 -4.13
C LYS A 8 9.80 5.10 -3.93
N ILE A 9 9.00 5.72 -4.81
CA ILE A 9 8.63 7.15 -4.82
C ILE A 9 8.06 7.60 -3.46
N LEU A 10 8.46 8.80 -3.03
CA LEU A 10 8.08 9.44 -1.77
C LEU A 10 6.61 9.90 -1.79
N LYS A 11 5.68 8.95 -1.61
CA LYS A 11 4.22 9.15 -1.57
C LYS A 11 3.57 8.30 -0.48
N PRO A 12 3.79 8.59 0.82
CA PRO A 12 3.23 7.81 1.92
C PRO A 12 1.70 7.89 1.95
N VAL A 13 1.06 6.81 2.41
CA VAL A 13 -0.41 6.65 2.49
C VAL A 13 -0.79 5.99 3.82
N CYS A 14 -2.06 6.14 4.21
CA CYS A 14 -2.62 5.50 5.40
C CYS A 14 -2.83 3.99 5.21
N GLY A 15 -2.36 3.18 6.16
CA GLY A 15 -2.63 1.74 6.26
C GLY A 15 -3.54 1.40 7.45
N SER A 16 -4.18 0.22 7.42
CA SER A 16 -5.20 -0.19 8.39
C SER A 16 -4.68 -0.34 9.83
N ASP A 17 -3.41 -0.70 10.01
CA ASP A 17 -2.75 -0.82 11.33
C ASP A 17 -2.35 0.54 11.95
N GLY A 18 -2.24 1.58 11.12
CA GLY A 18 -1.95 2.97 11.49
C GLY A 18 -0.53 3.45 11.15
N ARG A 19 0.29 2.58 10.54
CA ARG A 19 1.73 2.82 10.26
C ARG A 19 1.96 3.57 8.95
N THR A 20 3.10 4.25 8.85
CA THR A 20 3.64 4.86 7.63
C THR A 20 4.36 3.83 6.76
N TYR A 21 3.97 3.74 5.48
CA TYR A 21 4.63 2.94 4.44
C TYR A 21 4.98 3.81 3.23
N ALA A 22 5.93 3.36 2.40
CA ALA A 22 6.52 4.20 1.36
C ALA A 22 5.50 4.66 0.30
N ASN A 23 4.62 3.74 -0.12
CA ASN A 23 3.47 3.99 -1.02
C ASN A 23 2.35 2.94 -0.85
N SER A 24 1.25 3.09 -1.60
CA SER A 24 0.12 2.15 -1.55
C SER A 24 0.49 0.73 -2.00
N CYS A 25 1.35 0.61 -3.02
CA CYS A 25 1.81 -0.68 -3.56
C CYS A 25 2.51 -1.51 -2.48
N ILE A 26 3.57 -0.97 -1.87
CA ILE A 26 4.34 -1.67 -0.83
C ILE A 26 3.44 -2.10 0.34
N ALA A 27 2.50 -1.25 0.76
CA ALA A 27 1.58 -1.54 1.86
C ALA A 27 0.63 -2.70 1.54
N ARG A 28 0.02 -2.71 0.33
CA ARG A 28 -0.82 -3.82 -0.14
C ARG A 28 -0.03 -5.12 -0.28
N CYS A 29 1.16 -5.07 -0.86
CA CYS A 29 2.03 -6.25 -1.01
C CYS A 29 2.53 -6.80 0.34
N ASN A 30 2.74 -5.94 1.34
CA ASN A 30 3.09 -6.32 2.72
C ASN A 30 1.94 -7.08 3.42
N GLY A 31 0.69 -6.61 3.28
CA GLY A 31 -0.49 -7.30 3.82
C GLY A 31 -1.76 -6.47 4.03
N VAL A 32 -1.77 -5.16 3.70
CA VAL A 32 -2.90 -4.25 3.92
C VAL A 32 -3.85 -4.22 2.72
N SER A 33 -4.92 -3.44 2.87
CA SER A 33 -5.96 -3.19 1.86
C SER A 33 -6.29 -1.70 1.72
N ILE A 34 -5.88 -1.07 0.60
CA ILE A 34 -6.12 0.35 0.28
C ILE A 34 -6.98 0.53 -0.99
N LYS A 35 -6.81 -0.37 -1.96
CA LYS A 35 -7.53 -0.39 -3.25
C LYS A 35 -9.02 -0.75 -3.11
N SER A 36 -9.42 -1.32 -1.98
CA SER A 36 -10.80 -1.52 -1.54
C SER A 36 -11.51 -0.19 -1.24
N GLU A 37 -12.28 0.31 -2.21
CA GLU A 37 -13.16 1.48 -2.08
C GLU A 37 -14.26 1.27 -1.02
N GLY A 38 -14.98 2.33 -0.65
CA GLY A 38 -16.04 2.31 0.38
C GLY A 38 -17.32 1.55 -0.01
N SER A 39 -17.47 1.15 -1.27
CA SER A 39 -18.53 0.24 -1.75
C SER A 39 -18.35 -1.21 -1.26
N CYS A 40 -19.41 -2.01 -1.32
CA CYS A 40 -19.43 -3.42 -0.91
C CYS A 40 -20.12 -4.30 -1.98
N PRO A 41 -19.49 -4.53 -3.15
CA PRO A 41 -20.05 -5.35 -4.22
C PRO A 41 -20.03 -6.85 -3.89
N THR A 42 -20.83 -7.64 -4.62
CA THR A 42 -20.93 -9.11 -4.47
C THR A 42 -19.73 -9.88 -5.06
N GLY A 43 -18.90 -9.23 -5.90
CA GLY A 43 -17.67 -9.81 -6.46
C GLY A 43 -16.82 -8.78 -7.22
N ILE A 44 -17.16 -8.52 -8.49
CA ILE A 44 -16.48 -7.57 -9.39
C ILE A 44 -16.44 -6.12 -8.86
N LYS A 1 16.42 -13.86 -2.53
CA LYS A 1 15.95 -13.32 -3.85
C LYS A 1 14.41 -13.14 -3.94
N LYS A 2 13.71 -12.79 -2.83
CA LYS A 2 12.25 -12.57 -2.78
C LYS A 2 11.94 -11.13 -2.31
N VAL A 3 11.83 -10.21 -3.27
CA VAL A 3 11.53 -8.78 -3.07
C VAL A 3 10.52 -8.31 -4.13
N CYS A 4 9.47 -7.60 -3.70
CA CYS A 4 8.48 -6.99 -4.60
C CYS A 4 9.09 -5.86 -5.45
N ALA A 5 8.95 -5.93 -6.78
CA ALA A 5 9.44 -4.95 -7.75
C ALA A 5 8.62 -3.64 -7.79
N CYS A 6 8.25 -3.11 -6.62
CA CYS A 6 7.50 -1.84 -6.46
C CYS A 6 8.25 -0.62 -7.05
N PRO A 7 7.52 0.44 -7.46
CA PRO A 7 8.13 1.66 -8.01
C PRO A 7 8.84 2.49 -6.94
N LYS A 8 9.78 3.35 -7.38
CA LYS A 8 10.59 4.26 -6.53
C LYS A 8 9.80 5.46 -5.98
N ILE A 9 8.56 5.66 -6.46
CA ILE A 9 7.62 6.71 -6.02
C ILE A 9 7.44 6.71 -4.51
N LEU A 10 7.68 7.88 -3.92
CA LEU A 10 7.52 8.22 -2.52
C LEU A 10 6.14 8.87 -2.33
N LYS A 11 5.17 8.10 -1.83
CA LYS A 11 3.85 8.58 -1.39
C LYS A 11 3.33 7.74 -0.22
N PRO A 12 3.76 8.05 1.03
CA PRO A 12 3.27 7.34 2.21
C PRO A 12 1.79 7.67 2.47
N VAL A 13 1.05 6.70 3.02
CA VAL A 13 -0.37 6.81 3.34
C VAL A 13 -0.66 6.16 4.70
N CYS A 14 -1.79 6.52 5.30
CA CYS A 14 -2.30 5.91 6.53
C CYS A 14 -2.91 4.53 6.22
N GLY A 15 -2.12 3.46 6.41
CA GLY A 15 -2.60 2.08 6.28
C GLY A 15 -3.69 1.75 7.31
N SER A 16 -4.57 0.79 6.98
CA SER A 16 -5.79 0.44 7.74
C SER A 16 -5.53 0.14 9.23
N ASP A 17 -4.40 -0.50 9.55
CA ASP A 17 -3.99 -0.86 10.93
C ASP A 17 -3.38 0.32 11.74
N GLY A 18 -3.23 1.50 11.14
CA GLY A 18 -2.67 2.71 11.76
C GLY A 18 -1.16 2.87 11.53
N ARG A 19 -0.68 2.50 10.34
CA ARG A 19 0.74 2.30 9.99
C ARG A 19 1.11 3.05 8.71
N THR A 20 2.15 3.90 8.77
CA THR A 20 2.68 4.67 7.63
C THR A 20 3.66 3.85 6.79
N TYR A 21 3.14 3.16 5.77
CA TYR A 21 3.95 2.44 4.75
C TYR A 21 4.55 3.41 3.72
N ALA A 22 5.65 3.01 3.10
CA ALA A 22 6.46 3.91 2.27
C ALA A 22 5.75 4.36 0.98
N ASN A 23 5.04 3.43 0.32
CA ASN A 23 4.14 3.71 -0.80
C ASN A 23 2.92 2.75 -0.76
N SER A 24 1.91 2.96 -1.62
CA SER A 24 0.75 2.09 -1.74
C SER A 24 1.09 0.65 -2.18
N CYS A 25 2.11 0.49 -3.03
CA CYS A 25 2.61 -0.81 -3.50
C CYS A 25 3.09 -1.71 -2.36
N ILE A 26 4.07 -1.21 -1.58
CA ILE A 26 4.61 -1.97 -0.43
C ILE A 26 3.54 -2.34 0.60
N ALA A 27 2.51 -1.51 0.81
CA ALA A 27 1.36 -1.83 1.64
C ALA A 27 0.62 -3.10 1.15
N ARG A 28 0.23 -3.15 -0.13
CA ARG A 28 -0.39 -4.35 -0.74
C ARG A 28 0.51 -5.58 -0.66
N CYS A 29 1.80 -5.44 -1.01
CA CYS A 29 2.75 -6.56 -0.98
C CYS A 29 3.00 -7.10 0.44
N ASN A 30 2.96 -6.23 1.47
CA ASN A 30 3.06 -6.60 2.89
C ASN A 30 1.79 -7.31 3.40
N GLY A 31 0.60 -6.75 3.14
CA GLY A 31 -0.70 -7.33 3.54
C GLY A 31 -1.80 -6.34 3.93
N VAL A 32 -1.74 -5.07 3.50
CA VAL A 32 -2.68 -3.99 3.83
C VAL A 32 -3.19 -3.35 2.54
N SER A 33 -4.42 -2.84 2.58
CA SER A 33 -5.13 -2.18 1.48
C SER A 33 -5.60 -0.77 1.86
N ILE A 34 -5.46 0.18 0.93
CA ILE A 34 -5.83 1.60 1.08
C ILE A 34 -7.27 1.87 0.62
N LYS A 35 -7.83 0.96 -0.20
CA LYS A 35 -9.23 0.89 -0.69
C LYS A 35 -10.19 0.22 0.31
N SER A 36 -9.78 0.05 1.56
CA SER A 36 -10.51 -0.55 2.69
C SER A 36 -11.71 0.26 3.19
N GLU A 37 -12.68 0.44 2.29
CA GLU A 37 -13.97 1.11 2.52
C GLU A 37 -15.01 0.20 3.21
N GLY A 38 -16.09 0.80 3.71
CA GLY A 38 -17.17 0.11 4.46
C GLY A 38 -18.51 0.84 4.38
N SER A 39 -18.87 1.37 3.21
CA SER A 39 -20.12 2.10 2.92
C SER A 39 -20.83 1.55 1.68
N CYS A 40 -22.08 1.98 1.45
CA CYS A 40 -23.00 1.58 0.38
C CYS A 40 -22.91 0.07 0.01
N PRO A 41 -23.36 -0.84 0.89
CA PRO A 41 -23.25 -2.29 0.67
C PRO A 41 -24.10 -2.72 -0.54
N THR A 42 -23.56 -3.66 -1.33
CA THR A 42 -24.20 -4.17 -2.56
C THR A 42 -25.46 -4.99 -2.26
N GLY A 43 -26.31 -5.19 -3.27
CA GLY A 43 -27.58 -5.92 -3.16
C GLY A 43 -28.25 -6.18 -4.52
N ILE A 44 -29.37 -6.93 -4.47
CA ILE A 44 -30.21 -7.30 -5.62
C ILE A 44 -30.96 -6.10 -6.24
N LYS A 1 11.49 -18.38 -5.52
CA LYS A 1 11.96 -17.16 -4.82
C LYS A 1 11.61 -15.92 -5.65
N LYS A 2 10.82 -14.98 -5.10
CA LYS A 2 10.34 -13.75 -5.77
C LYS A 2 10.29 -12.53 -4.83
N VAL A 3 10.10 -11.33 -5.40
CA VAL A 3 10.06 -10.05 -4.65
C VAL A 3 9.12 -9.02 -5.33
N CYS A 4 8.56 -8.11 -4.53
CA CYS A 4 7.68 -7.02 -4.96
C CYS A 4 8.47 -5.85 -5.57
N ALA A 5 8.57 -5.80 -6.90
CA ALA A 5 9.28 -4.77 -7.68
C ALA A 5 8.52 -3.42 -7.74
N CYS A 6 8.39 -2.74 -6.60
CA CYS A 6 7.71 -1.45 -6.46
C CYS A 6 8.45 -0.28 -7.16
N PRO A 7 7.74 0.81 -7.55
CA PRO A 7 8.33 1.99 -8.20
C PRO A 7 9.14 2.88 -7.24
N LYS A 8 9.91 3.82 -7.81
CA LYS A 8 10.74 4.80 -7.07
C LYS A 8 9.95 5.98 -6.46
N ILE A 9 8.64 6.02 -6.70
CA ILE A 9 7.66 6.98 -6.13
C ILE A 9 7.71 6.96 -4.60
N LEU A 10 7.39 8.09 -3.99
CA LEU A 10 7.44 8.34 -2.56
C LEU A 10 6.17 9.09 -2.11
N LYS A 11 5.15 8.34 -1.67
CA LYS A 11 3.90 8.85 -1.09
C LYS A 11 3.53 8.06 0.18
N PRO A 12 4.12 8.38 1.35
CA PRO A 12 3.91 7.67 2.60
C PRO A 12 2.48 7.89 3.16
N VAL A 13 1.56 7.01 2.78
CA VAL A 13 0.13 7.03 3.12
C VAL A 13 -0.17 6.32 4.45
N CYS A 14 -1.31 6.68 5.06
CA CYS A 14 -1.86 5.99 6.23
C CYS A 14 -2.34 4.56 5.86
N GLY A 15 -2.15 3.61 6.78
CA GLY A 15 -2.58 2.21 6.63
C GLY A 15 -3.71 1.84 7.60
N SER A 16 -4.57 0.90 7.18
CA SER A 16 -5.83 0.54 7.85
C SER A 16 -5.69 0.02 9.29
N ASP A 17 -4.52 -0.50 9.69
CA ASP A 17 -4.21 -0.95 11.06
C ASP A 17 -3.88 0.21 12.03
N GLY A 18 -3.71 1.44 11.53
CA GLY A 18 -3.23 2.61 12.28
C GLY A 18 -1.73 2.89 12.12
N ARG A 19 -1.19 2.56 10.93
CA ARG A 19 0.24 2.51 10.57
C ARG A 19 0.54 3.45 9.38
N THR A 20 1.78 3.43 8.88
CA THR A 20 2.21 4.15 7.66
C THR A 20 3.11 3.26 6.78
N TYR A 21 2.99 3.38 5.46
CA TYR A 21 3.70 2.57 4.46
C TYR A 21 4.12 3.38 3.23
N ALA A 22 5.26 3.00 2.63
CA ALA A 22 5.98 3.85 1.67
C ALA A 22 5.15 4.19 0.40
N ASN A 23 4.48 3.20 -0.18
CA ASN A 23 3.45 3.34 -1.22
C ASN A 23 2.35 2.24 -1.07
N SER A 24 1.29 2.30 -1.87
CA SER A 24 0.27 1.24 -1.97
C SER A 24 0.85 -0.14 -2.36
N CYS A 25 1.95 -0.15 -3.14
CA CYS A 25 2.68 -1.36 -3.52
C CYS A 25 3.18 -2.15 -2.31
N ILE A 26 4.04 -1.53 -1.50
CA ILE A 26 4.60 -2.18 -0.30
C ILE A 26 3.52 -2.54 0.72
N ALA A 27 2.45 -1.74 0.83
CA ALA A 27 1.26 -2.07 1.63
C ALA A 27 0.64 -3.42 1.19
N ARG A 28 0.30 -3.58 -0.10
CA ARG A 28 -0.21 -4.84 -0.66
C ARG A 28 0.77 -6.02 -0.50
N CYS A 29 2.07 -5.76 -0.69
CA CYS A 29 3.14 -6.76 -0.50
C CYS A 29 3.17 -7.29 0.94
N ASN A 30 3.10 -6.39 1.93
CA ASN A 30 3.10 -6.69 3.35
C ASN A 30 1.81 -7.39 3.82
N GLY A 31 0.64 -6.86 3.42
CA GLY A 31 -0.69 -7.36 3.81
C GLY A 31 -1.64 -6.27 4.35
N VAL A 32 -1.64 -5.08 3.75
CA VAL A 32 -2.55 -3.95 4.04
C VAL A 32 -3.08 -3.40 2.70
N SER A 33 -4.21 -2.71 2.74
CA SER A 33 -4.83 -2.02 1.60
C SER A 33 -5.06 -0.54 1.88
N ILE A 34 -4.88 0.28 0.84
CA ILE A 34 -5.11 1.74 0.84
C ILE A 34 -6.46 2.08 0.18
N LYS A 35 -7.05 1.13 -0.57
CA LYS A 35 -8.30 1.26 -1.33
C LYS A 35 -9.52 0.64 -0.64
N SER A 36 -9.32 -0.34 0.26
CA SER A 36 -10.35 -1.03 1.05
C SER A 36 -11.48 -1.67 0.21
N GLU A 37 -11.13 -2.15 -0.99
CA GLU A 37 -12.01 -2.82 -1.95
C GLU A 37 -12.56 -4.19 -1.48
N GLY A 38 -11.99 -4.77 -0.41
CA GLY A 38 -12.44 -6.05 0.17
C GLY A 38 -11.33 -6.89 0.84
N SER A 39 -10.09 -6.40 0.90
CA SER A 39 -8.89 -7.14 1.35
C SER A 39 -8.98 -7.66 2.79
N CYS A 40 -9.65 -6.93 3.70
CA CYS A 40 -9.91 -7.24 5.12
C CYS A 40 -8.80 -8.08 5.82
N PRO A 41 -7.59 -7.53 6.00
CA PRO A 41 -6.42 -8.27 6.48
C PRO A 41 -6.55 -8.71 7.95
N THR A 42 -6.59 -10.03 8.18
CA THR A 42 -6.74 -10.67 9.50
C THR A 42 -5.46 -10.63 10.36
N GLY A 43 -4.30 -10.97 9.77
CA GLY A 43 -3.00 -11.05 10.45
C GLY A 43 -2.05 -12.07 9.79
N ILE A 44 -1.53 -13.01 10.59
CA ILE A 44 -0.63 -14.11 10.16
C ILE A 44 -1.24 -15.04 9.10
N LYS A 1 14.69 -15.54 -3.38
CA LYS A 1 14.50 -14.19 -2.80
C LYS A 1 13.08 -13.67 -3.11
N LYS A 2 12.34 -13.18 -2.10
CA LYS A 2 11.03 -12.53 -2.26
C LYS A 2 11.18 -11.14 -2.92
N VAL A 3 10.25 -10.77 -3.79
CA VAL A 3 10.23 -9.48 -4.50
C VAL A 3 8.79 -9.03 -4.82
N CYS A 4 8.54 -7.71 -4.77
CA CYS A 4 7.23 -7.09 -5.06
C CYS A 4 7.19 -6.33 -6.39
N ALA A 5 8.36 -5.96 -6.96
CA ALA A 5 8.55 -5.08 -8.13
C ALA A 5 7.81 -3.72 -8.06
N CYS A 6 7.53 -3.24 -6.84
CA CYS A 6 6.90 -1.96 -6.56
C CYS A 6 7.80 -0.75 -6.89
N PRO A 7 7.23 0.47 -7.05
CA PRO A 7 7.99 1.70 -7.15
C PRO A 7 8.69 2.07 -5.83
N LYS A 8 9.60 3.05 -5.89
CA LYS A 8 10.31 3.66 -4.73
C LYS A 8 9.93 5.13 -4.51
N ILE A 9 9.00 5.66 -5.33
CA ILE A 9 8.47 7.03 -5.27
C ILE A 9 7.88 7.34 -3.89
N LEU A 10 8.25 8.51 -3.36
CA LEU A 10 7.91 9.04 -2.05
C LEU A 10 6.41 9.42 -1.98
N LYS A 11 5.57 8.52 -1.46
CA LYS A 11 4.11 8.72 -1.33
C LYS A 11 3.55 8.07 -0.04
N PRO A 12 3.80 8.66 1.15
CA PRO A 12 3.40 8.10 2.44
C PRO A 12 1.87 8.10 2.66
N VAL A 13 1.23 7.01 2.22
CA VAL A 13 -0.21 6.73 2.40
C VAL A 13 -0.56 6.35 3.84
N CYS A 14 -1.84 6.48 4.19
CA CYS A 14 -2.39 5.91 5.42
C CYS A 14 -2.45 4.37 5.34
N GLY A 15 -2.67 3.69 6.49
CA GLY A 15 -2.79 2.24 6.59
C GLY A 15 -3.82 1.83 7.65
N SER A 16 -4.68 0.86 7.29
CA SER A 16 -5.80 0.36 8.11
C SER A 16 -5.39 -0.20 9.50
N ASP A 17 -4.13 -0.64 9.65
CA ASP A 17 -3.53 -1.13 10.90
C ASP A 17 -3.01 -0.01 11.83
N GLY A 18 -3.04 1.25 11.40
CA GLY A 18 -2.60 2.43 12.18
C GLY A 18 -1.15 2.85 11.89
N ARG A 19 -0.59 2.44 10.75
CA ARG A 19 0.82 2.63 10.35
C ARG A 19 0.96 3.41 9.03
N THR A 20 2.20 3.67 8.60
CA THR A 20 2.58 4.41 7.39
C THR A 20 3.57 3.59 6.56
N TYR A 21 3.45 3.64 5.23
CA TYR A 21 4.24 2.86 4.27
C TYR A 21 4.72 3.72 3.11
N ALA A 22 5.82 3.31 2.45
CA ALA A 22 6.54 4.14 1.50
C ALA A 22 5.67 4.55 0.28
N ASN A 23 4.85 3.61 -0.21
CA ASN A 23 3.75 3.83 -1.16
C ASN A 23 2.61 2.81 -0.96
N SER A 24 1.55 2.92 -1.77
CA SER A 24 0.40 2.00 -1.75
C SER A 24 0.74 0.57 -2.19
N CYS A 25 1.67 0.42 -3.14
CA CYS A 25 2.12 -0.88 -3.65
C CYS A 25 2.79 -1.71 -2.55
N ILE A 26 3.80 -1.13 -1.89
CA ILE A 26 4.53 -1.82 -0.82
C ILE A 26 3.61 -2.26 0.33
N ALA A 27 2.60 -1.46 0.69
CA ALA A 27 1.63 -1.81 1.71
C ALA A 27 0.77 -3.03 1.34
N ARG A 28 0.32 -3.12 0.08
CA ARG A 28 -0.39 -4.30 -0.46
C ARG A 28 0.48 -5.56 -0.45
N CYS A 29 1.75 -5.44 -0.84
CA CYS A 29 2.72 -6.55 -0.76
C CYS A 29 3.00 -6.99 0.70
N ASN A 30 3.10 -6.02 1.62
CA ASN A 30 3.34 -6.22 3.05
C ASN A 30 2.18 -6.98 3.74
N GLY A 31 0.93 -6.52 3.56
CA GLY A 31 -0.26 -7.15 4.15
C GLY A 31 -1.44 -6.25 4.51
N VAL A 32 -1.54 -5.02 3.97
CA VAL A 32 -2.58 -4.03 4.28
C VAL A 32 -3.28 -3.59 2.99
N SER A 33 -4.58 -3.36 3.10
CA SER A 33 -5.48 -2.94 2.01
C SER A 33 -5.53 -1.42 1.89
N ILE A 34 -5.31 -0.89 0.66
CA ILE A 34 -5.24 0.56 0.37
C ILE A 34 -6.35 1.03 -0.59
N LYS A 35 -7.10 0.08 -1.19
CA LYS A 35 -8.28 0.32 -2.03
C LYS A 35 -9.41 1.06 -1.31
N SER A 36 -9.56 0.84 0.00
CA SER A 36 -10.57 1.44 0.88
C SER A 36 -9.93 1.99 2.16
N GLU A 37 -9.96 3.32 2.30
CA GLU A 37 -9.40 4.04 3.46
C GLU A 37 -10.08 3.66 4.79
N GLY A 38 -9.28 3.46 5.85
CA GLY A 38 -9.76 3.07 7.18
C GLY A 38 -10.18 4.25 8.08
N SER A 39 -9.54 5.40 7.94
CA SER A 39 -9.80 6.63 8.72
C SER A 39 -11.07 7.35 8.25
N CYS A 40 -12.20 7.06 8.88
CA CYS A 40 -13.49 7.73 8.63
C CYS A 40 -13.41 9.24 8.93
N PRO A 41 -13.89 10.13 8.03
CA PRO A 41 -13.88 11.59 8.26
C PRO A 41 -14.89 12.03 9.33
N THR A 42 -14.70 13.24 9.87
CA THR A 42 -15.49 13.82 10.97
C THR A 42 -16.05 15.21 10.64
N GLY A 43 -15.28 16.04 9.93
CA GLY A 43 -15.58 17.45 9.66
C GLY A 43 -14.43 18.19 8.97
N ILE A 44 -14.54 19.53 8.91
CA ILE A 44 -13.55 20.45 8.29
C ILE A 44 -12.58 21.06 9.32
N LYS A 1 13.67 -15.09 -5.35
CA LYS A 1 14.03 -13.94 -4.47
C LYS A 1 12.78 -13.25 -3.92
N LYS A 2 12.63 -13.16 -2.60
CA LYS A 2 11.49 -12.50 -1.91
C LYS A 2 11.66 -10.97 -1.87
N VAL A 3 11.42 -10.32 -3.02
CA VAL A 3 11.51 -8.85 -3.20
C VAL A 3 10.34 -8.34 -4.04
N CYS A 4 9.59 -7.39 -3.49
CA CYS A 4 8.50 -6.66 -4.17
C CYS A 4 9.08 -5.69 -5.23
N ALA A 5 8.83 -5.92 -6.51
CA ALA A 5 9.27 -5.08 -7.64
C ALA A 5 8.51 -3.73 -7.77
N CYS A 6 8.17 -3.11 -6.64
CA CYS A 6 7.42 -1.85 -6.52
C CYS A 6 8.18 -0.62 -7.09
N PRO A 7 7.47 0.47 -7.43
CA PRO A 7 8.08 1.69 -7.98
C PRO A 7 8.90 2.47 -6.94
N LYS A 8 9.82 3.31 -7.42
CA LYS A 8 10.66 4.21 -6.61
C LYS A 8 9.88 5.40 -5.99
N ILE A 9 8.72 5.73 -6.58
CA ILE A 9 7.84 6.83 -6.16
C ILE A 9 7.39 6.65 -4.70
N LEU A 10 7.52 7.73 -3.91
CA LEU A 10 7.10 7.80 -2.51
C LEU A 10 5.67 8.37 -2.38
N LYS A 11 4.86 7.71 -1.55
CA LYS A 11 3.56 8.18 -1.03
C LYS A 11 3.39 7.69 0.43
N PRO A 12 3.99 8.38 1.42
CA PRO A 12 3.86 8.01 2.84
C PRO A 12 2.46 8.30 3.38
N VAL A 13 1.55 7.35 3.19
CA VAL A 13 0.13 7.39 3.55
C VAL A 13 -0.21 6.42 4.69
N CYS A 14 -1.41 6.60 5.27
CA CYS A 14 -1.94 5.73 6.31
C CYS A 14 -2.45 4.39 5.75
N GLY A 15 -2.04 3.28 6.36
CA GLY A 15 -2.59 1.94 6.14
C GLY A 15 -3.77 1.64 7.08
N SER A 16 -4.61 0.66 6.73
CA SER A 16 -5.88 0.36 7.41
C SER A 16 -5.75 -0.02 8.91
N ASP A 17 -4.59 -0.54 9.32
CA ASP A 17 -4.28 -0.88 10.72
C ASP A 17 -3.81 0.33 11.58
N GLY A 18 -3.68 1.52 11.01
CA GLY A 18 -3.18 2.74 11.68
C GLY A 18 -1.66 2.89 11.57
N ARG A 19 -1.09 2.41 10.46
CA ARG A 19 0.36 2.26 10.17
C ARG A 19 0.79 3.18 9.02
N THR A 20 2.09 3.28 8.74
CA THR A 20 2.67 4.09 7.65
C THR A 20 3.62 3.26 6.79
N TYR A 21 3.49 3.36 5.47
CA TYR A 21 4.27 2.62 4.47
C TYR A 21 4.75 3.51 3.32
N ALA A 22 5.84 3.10 2.65
CA ALA A 22 6.57 3.97 1.73
C ALA A 22 5.74 4.38 0.50
N ASN A 23 4.98 3.44 -0.08
CA ASN A 23 3.90 3.70 -1.05
C ASN A 23 2.75 2.66 -0.94
N SER A 24 1.72 2.80 -1.77
CA SER A 24 0.58 1.86 -1.84
C SER A 24 0.99 0.44 -2.28
N CYS A 25 1.99 0.32 -3.17
CA CYS A 25 2.51 -0.96 -3.64
C CYS A 25 3.11 -1.79 -2.51
N ILE A 26 4.06 -1.22 -1.76
CA ILE A 26 4.71 -1.93 -0.64
C ILE A 26 3.70 -2.31 0.45
N ALA A 27 2.68 -1.47 0.72
CA ALA A 27 1.58 -1.79 1.63
C ALA A 27 0.80 -3.05 1.17
N ARG A 28 0.38 -3.10 -0.10
CA ARG A 28 -0.27 -4.26 -0.72
C ARG A 28 0.59 -5.53 -0.68
N CYS A 29 1.89 -5.41 -1.01
CA CYS A 29 2.84 -6.51 -0.95
C CYS A 29 3.02 -7.05 0.49
N ASN A 30 3.08 -6.16 1.48
CA ASN A 30 3.21 -6.50 2.90
C ASN A 30 1.97 -7.20 3.49
N GLY A 31 0.76 -6.73 3.13
CA GLY A 31 -0.51 -7.32 3.57
C GLY A 31 -1.59 -6.32 4.05
N VAL A 32 -1.53 -5.06 3.63
CA VAL A 32 -2.43 -3.96 4.00
C VAL A 32 -3.01 -3.36 2.72
N SER A 33 -4.19 -2.74 2.83
CA SER A 33 -4.86 -2.04 1.72
C SER A 33 -5.45 -0.68 2.16
N ILE A 34 -5.83 0.14 1.18
CA ILE A 34 -6.27 1.54 1.38
C ILE A 34 -7.66 1.80 0.75
N LYS A 35 -8.19 0.84 -0.01
CA LYS A 35 -9.55 0.83 -0.60
C LYS A 35 -10.67 0.91 0.44
N SER A 36 -10.43 0.34 1.64
CA SER A 36 -11.35 0.28 2.77
C SER A 36 -11.29 1.58 3.59
N GLU A 37 -12.04 2.59 3.14
CA GLU A 37 -12.09 3.95 3.70
C GLU A 37 -13.54 4.44 3.94
N GLY A 38 -13.70 5.47 4.76
CA GLY A 38 -15.02 5.99 5.20
C GLY A 38 -15.62 7.08 4.31
N SER A 39 -14.79 7.87 3.63
CA SER A 39 -15.18 8.94 2.69
C SER A 39 -15.45 8.42 1.27
N CYS A 40 -16.08 9.24 0.42
CA CYS A 40 -16.36 8.93 -0.98
C CYS A 40 -15.05 8.81 -1.80
N PRO A 41 -14.82 7.71 -2.56
CA PRO A 41 -13.60 7.50 -3.34
C PRO A 41 -13.52 8.43 -4.56
N THR A 42 -12.85 9.58 -4.40
CA THR A 42 -12.68 10.64 -5.42
C THR A 42 -11.25 11.20 -5.41
N GLY A 43 -10.73 11.61 -6.57
CA GLY A 43 -9.45 12.33 -6.72
C GLY A 43 -8.68 11.94 -7.98
N ILE A 44 -8.29 10.67 -8.08
CA ILE A 44 -7.48 10.07 -9.18
C ILE A 44 -7.97 8.65 -9.53
N LYS A 1 14.60 -12.22 -8.42
CA LYS A 1 13.30 -12.96 -8.38
C LYS A 1 12.67 -12.89 -6.98
N LYS A 2 11.39 -13.30 -6.86
CA LYS A 2 10.58 -13.35 -5.61
C LYS A 2 10.60 -12.02 -4.82
N VAL A 3 10.37 -10.91 -5.52
CA VAL A 3 10.35 -9.53 -4.98
C VAL A 3 9.27 -8.68 -5.66
N CYS A 4 8.64 -7.77 -4.90
CA CYS A 4 7.65 -6.80 -5.37
C CYS A 4 8.34 -5.58 -6.02
N ALA A 5 8.21 -5.43 -7.34
CA ALA A 5 8.82 -4.38 -8.15
C ALA A 5 8.12 -3.01 -8.00
N CYS A 6 8.24 -2.40 -6.81
CA CYS A 6 7.64 -1.10 -6.48
C CYS A 6 8.28 0.09 -7.24
N PRO A 7 7.54 1.21 -7.43
CA PRO A 7 8.09 2.45 -8.00
C PRO A 7 9.08 3.12 -7.04
N LYS A 8 10.04 3.87 -7.60
CA LYS A 8 11.06 4.66 -6.87
C LYS A 8 10.50 5.79 -5.99
N ILE A 9 9.32 6.30 -6.35
CA ILE A 9 8.55 7.32 -5.63
C ILE A 9 8.22 6.90 -4.19
N LEU A 10 7.94 7.89 -3.35
CA LEU A 10 7.64 7.76 -1.93
C LEU A 10 6.32 8.48 -1.64
N LYS A 11 5.29 7.70 -1.25
CA LYS A 11 3.91 8.16 -0.99
C LYS A 11 3.46 7.69 0.40
N PRO A 12 3.86 8.40 1.48
CA PRO A 12 3.59 8.02 2.86
C PRO A 12 2.11 8.24 3.25
N VAL A 13 1.29 7.24 2.93
CA VAL A 13 -0.15 7.17 3.23
C VAL A 13 -0.45 6.87 4.72
N CYS A 14 -1.69 7.09 5.14
CA CYS A 14 -2.17 6.76 6.50
C CYS A 14 -2.53 5.26 6.68
N GLY A 15 -2.47 4.47 5.61
CA GLY A 15 -2.76 3.02 5.60
C GLY A 15 -4.16 2.66 6.11
N SER A 16 -4.31 1.42 6.60
CA SER A 16 -5.54 0.91 7.25
C SER A 16 -5.33 0.43 8.69
N ASP A 17 -4.10 0.12 9.12
CA ASP A 17 -3.74 -0.19 10.51
C ASP A 17 -3.54 1.08 11.38
N GLY A 18 -3.42 2.25 10.74
CA GLY A 18 -3.17 3.57 11.34
C GLY A 18 -1.70 4.01 11.31
N ARG A 19 -0.78 3.08 11.03
CA ARG A 19 0.64 3.35 10.72
C ARG A 19 0.83 3.83 9.27
N THR A 20 2.02 4.33 8.95
CA THR A 20 2.43 4.74 7.59
C THR A 20 3.17 3.61 6.86
N TYR A 21 3.03 3.57 5.53
CA TYR A 21 3.74 2.67 4.61
C TYR A 21 4.33 3.45 3.44
N ALA A 22 5.43 2.94 2.86
CA ALA A 22 6.21 3.69 1.88
C ALA A 22 5.46 3.94 0.56
N ASN A 23 4.72 2.92 0.09
CA ASN A 23 3.85 2.95 -1.08
C ASN A 23 2.59 2.07 -0.86
N SER A 24 1.63 2.15 -1.77
CA SER A 24 0.56 1.15 -1.93
C SER A 24 1.10 -0.24 -2.30
N CYS A 25 2.22 -0.28 -3.05
CA CYS A 25 2.98 -1.49 -3.39
C CYS A 25 3.38 -2.29 -2.15
N ILE A 26 4.23 -1.71 -1.29
CA ILE A 26 4.73 -2.39 -0.08
C ILE A 26 3.59 -2.84 0.85
N ALA A 27 2.51 -2.05 0.96
CA ALA A 27 1.32 -2.42 1.72
C ALA A 27 0.70 -3.73 1.21
N ARG A 28 0.34 -3.79 -0.09
CA ARG A 28 -0.25 -4.99 -0.72
C ARG A 28 0.71 -6.18 -0.75
N CYS A 29 1.99 -5.94 -0.98
CA CYS A 29 3.07 -6.93 -0.90
C CYS A 29 3.14 -7.58 0.50
N ASN A 30 3.06 -6.77 1.57
CA ASN A 30 3.11 -7.20 2.96
C ASN A 30 1.83 -7.94 3.40
N GLY A 31 0.64 -7.38 3.11
CA GLY A 31 -0.66 -7.96 3.46
C GLY A 31 -1.77 -6.97 3.85
N VAL A 32 -1.71 -5.70 3.43
CA VAL A 32 -2.62 -4.60 3.79
C VAL A 32 -3.08 -3.89 2.51
N SER A 33 -4.27 -3.31 2.54
CA SER A 33 -4.88 -2.58 1.43
C SER A 33 -5.71 -1.38 1.92
N ILE A 34 -5.41 -0.18 1.40
CA ILE A 34 -6.09 1.09 1.77
C ILE A 34 -7.59 1.07 1.38
N LYS A 35 -7.97 0.20 0.44
CA LYS A 35 -9.34 -0.11 0.00
C LYS A 35 -10.18 -0.81 1.08
N SER A 36 -9.55 -1.37 2.13
CA SER A 36 -10.18 -2.09 3.25
C SER A 36 -10.95 -3.37 2.84
N GLU A 37 -10.63 -3.92 1.66
CA GLU A 37 -11.28 -5.10 1.10
C GLU A 37 -10.32 -5.96 0.24
N GLY A 38 -10.74 -7.19 -0.08
CA GLY A 38 -9.98 -8.16 -0.89
C GLY A 38 -10.06 -7.92 -2.40
N SER A 39 -9.75 -6.70 -2.84
CA SER A 39 -9.72 -6.31 -4.25
C SER A 39 -8.49 -6.92 -4.97
N CYS A 40 -8.66 -8.14 -5.51
CA CYS A 40 -7.65 -8.98 -6.15
C CYS A 40 -6.27 -9.00 -5.43
N PRO A 41 -6.12 -9.68 -4.29
CA PRO A 41 -4.90 -9.73 -3.49
C PRO A 41 -3.79 -10.57 -4.16
N THR A 42 -2.97 -9.92 -4.99
CA THR A 42 -1.80 -10.50 -5.69
C THR A 42 -0.63 -10.79 -4.74
N GLY A 43 -0.45 -12.06 -4.34
CA GLY A 43 0.65 -12.52 -3.50
C GLY A 43 0.26 -12.65 -2.02
N ILE A 44 0.25 -13.89 -1.51
CA ILE A 44 -0.03 -14.25 -0.10
C ILE A 44 1.17 -13.98 0.81
N LYS A 1 13.70 -13.40 -8.64
CA LYS A 1 12.31 -13.95 -8.53
C LYS A 1 11.74 -13.74 -7.11
N LYS A 2 10.43 -14.00 -6.92
CA LYS A 2 9.67 -13.84 -5.65
C LYS A 2 9.90 -12.48 -4.94
N VAL A 3 9.83 -11.38 -5.71
CA VAL A 3 10.03 -10.01 -5.21
C VAL A 3 9.03 -9.02 -5.82
N CYS A 4 8.57 -8.06 -5.02
CA CYS A 4 7.66 -6.99 -5.41
C CYS A 4 8.43 -5.84 -6.10
N ALA A 5 8.39 -5.78 -7.43
CA ALA A 5 9.01 -4.73 -8.27
C ALA A 5 8.24 -3.39 -8.22
N CYS A 6 7.98 -2.87 -7.02
CA CYS A 6 7.28 -1.60 -6.76
C CYS A 6 8.04 -0.37 -7.32
N PRO A 7 7.34 0.75 -7.58
CA PRO A 7 7.94 1.96 -8.16
C PRO A 7 8.86 2.72 -7.19
N LYS A 8 9.63 3.68 -7.73
CA LYS A 8 10.54 4.59 -7.00
C LYS A 8 9.81 5.57 -6.07
N ILE A 9 8.50 5.76 -6.27
CA ILE A 9 7.62 6.63 -5.48
C ILE A 9 7.62 6.20 -4.00
N LEU A 10 7.70 7.18 -3.09
CA LEU A 10 7.76 6.98 -1.64
C LEU A 10 6.75 7.86 -0.84
N LYS A 11 5.64 8.24 -1.48
CA LYS A 11 4.51 8.98 -0.89
C LYS A 11 3.97 8.30 0.38
N PRO A 12 4.22 8.85 1.59
CA PRO A 12 3.87 8.21 2.86
C PRO A 12 2.36 8.25 3.13
N VAL A 13 1.64 7.25 2.63
CA VAL A 13 0.20 7.06 2.77
C VAL A 13 -0.20 6.62 4.18
N CYS A 14 -1.46 6.86 4.55
CA CYS A 14 -2.09 6.24 5.71
C CYS A 14 -2.20 4.71 5.57
N GLY A 15 -2.47 4.02 6.68
CA GLY A 15 -2.62 2.56 6.74
C GLY A 15 -3.85 2.14 7.54
N SER A 16 -4.51 1.08 7.10
CA SER A 16 -5.79 0.57 7.66
C SER A 16 -5.70 0.06 9.11
N ASP A 17 -4.49 -0.20 9.62
CA ASP A 17 -4.21 -0.54 11.03
C ASP A 17 -3.79 0.69 11.89
N GLY A 18 -3.83 1.91 11.33
CA GLY A 18 -3.47 3.17 12.01
C GLY A 18 -1.99 3.55 11.88
N ARG A 19 -1.32 3.06 10.83
CA ARG A 19 0.15 3.16 10.62
C ARG A 19 0.50 3.91 9.32
N THR A 20 1.77 3.89 8.91
CA THR A 20 2.31 4.55 7.71
C THR A 20 3.24 3.60 6.95
N TYR A 21 3.15 3.59 5.61
CA TYR A 21 3.98 2.75 4.72
C TYR A 21 4.53 3.56 3.54
N ALA A 22 5.61 3.06 2.92
CA ALA A 22 6.38 3.84 1.96
C ALA A 22 5.57 4.22 0.70
N ASN A 23 4.75 3.31 0.17
CA ASN A 23 3.74 3.58 -0.86
C ASN A 23 2.58 2.55 -0.81
N SER A 24 1.62 2.66 -1.72
CA SER A 24 0.47 1.74 -1.85
C SER A 24 0.80 0.35 -2.43
N CYS A 25 1.97 0.20 -3.08
CA CYS A 25 2.49 -1.07 -3.56
C CYS A 25 3.07 -1.91 -2.42
N ILE A 26 4.02 -1.36 -1.67
CA ILE A 26 4.65 -2.04 -0.52
C ILE A 26 3.63 -2.46 0.55
N ALA A 27 2.56 -1.68 0.76
CA ALA A 27 1.44 -2.04 1.63
C ALA A 27 0.83 -3.39 1.22
N ARG A 28 0.45 -3.54 -0.06
CA ARG A 28 -0.12 -4.77 -0.63
C ARG A 28 0.87 -5.94 -0.68
N CYS A 29 2.14 -5.66 -0.97
CA CYS A 29 3.24 -6.63 -0.88
C CYS A 29 3.36 -7.21 0.54
N ASN A 30 3.32 -6.35 1.56
CA ASN A 30 3.45 -6.69 2.98
C ASN A 30 2.22 -7.44 3.53
N GLY A 31 1.01 -6.92 3.29
CA GLY A 31 -0.26 -7.53 3.73
C GLY A 31 -1.40 -6.58 4.15
N VAL A 32 -1.40 -5.32 3.67
CA VAL A 32 -2.37 -4.28 3.98
C VAL A 32 -2.96 -3.73 2.68
N SER A 33 -4.19 -3.25 2.74
CA SER A 33 -4.92 -2.67 1.59
C SER A 33 -5.84 -1.52 2.00
N ILE A 34 -5.56 -0.33 1.45
CA ILE A 34 -6.25 0.93 1.69
C ILE A 34 -7.49 1.10 0.76
N LYS A 35 -7.93 0.02 0.08
CA LYS A 35 -9.01 -0.06 -0.94
C LYS A 35 -8.79 0.80 -2.21
N SER A 36 -7.62 1.44 -2.35
CA SER A 36 -7.26 2.32 -3.48
C SER A 36 -7.09 1.59 -4.82
N GLU A 37 -6.83 0.27 -4.80
CA GLU A 37 -6.70 -0.58 -5.99
C GLU A 37 -7.27 -2.00 -5.75
N GLY A 38 -7.55 -2.75 -6.83
CA GLY A 38 -8.36 -3.98 -6.82
C GLY A 38 -7.63 -5.26 -6.35
N SER A 39 -6.93 -5.19 -5.22
CA SER A 39 -6.16 -6.31 -4.64
C SER A 39 -7.06 -7.31 -3.90
N CYS A 40 -7.79 -6.86 -2.87
CA CYS A 40 -8.67 -7.69 -2.03
C CYS A 40 -9.95 -6.91 -1.62
N PRO A 41 -10.87 -6.65 -2.56
CA PRO A 41 -12.14 -5.95 -2.27
C PRO A 41 -13.11 -6.81 -1.45
N THR A 42 -14.10 -6.16 -0.83
CA THR A 42 -15.14 -6.79 0.03
C THR A 42 -16.53 -6.34 -0.41
N GLY A 43 -17.03 -6.93 -1.50
CA GLY A 43 -18.30 -6.58 -2.14
C GLY A 43 -19.52 -7.26 -1.50
N ILE A 44 -19.90 -6.83 -0.30
CA ILE A 44 -21.08 -7.28 0.47
C ILE A 44 -22.38 -7.02 -0.32
N LYS A 1 11.91 -16.21 -0.73
CA LYS A 1 12.54 -16.02 -2.07
C LYS A 1 11.60 -15.25 -3.03
N LYS A 2 11.43 -13.94 -2.82
CA LYS A 2 10.78 -12.96 -3.75
C LYS A 2 11.08 -11.52 -3.31
N VAL A 3 10.79 -10.55 -4.18
CA VAL A 3 10.95 -9.09 -3.93
C VAL A 3 9.77 -8.32 -4.52
N CYS A 4 9.19 -7.40 -3.74
CA CYS A 4 8.18 -6.44 -4.20
C CYS A 4 8.81 -5.42 -5.16
N ALA A 5 8.58 -5.55 -6.47
CA ALA A 5 9.15 -4.69 -7.53
C ALA A 5 8.50 -3.27 -7.60
N CYS A 6 8.43 -2.58 -6.46
CA CYS A 6 7.74 -1.31 -6.28
C CYS A 6 8.43 -0.10 -6.96
N PRO A 7 7.68 0.97 -7.28
CA PRO A 7 8.22 2.19 -7.89
C PRO A 7 9.12 2.99 -6.94
N LYS A 8 9.98 3.84 -7.53
CA LYS A 8 10.93 4.75 -6.84
C LYS A 8 10.24 5.93 -6.12
N ILE A 9 8.96 6.17 -6.40
CA ILE A 9 8.14 7.27 -5.88
C ILE A 9 7.96 7.22 -4.35
N LEU A 10 7.88 8.42 -3.78
CA LEU A 10 7.80 8.70 -2.35
C LEU A 10 6.46 9.39 -2.06
N LYS A 11 5.43 8.58 -1.80
CA LYS A 11 4.07 8.98 -1.41
C LYS A 11 3.61 8.10 -0.22
N PRO A 12 4.14 8.33 0.99
CA PRO A 12 3.83 7.50 2.16
C PRO A 12 2.37 7.65 2.58
N VAL A 13 1.61 6.55 2.57
CA VAL A 13 0.17 6.50 2.86
C VAL A 13 -0.11 5.86 4.22
N CYS A 14 -1.25 6.20 4.81
CA CYS A 14 -1.80 5.60 6.02
C CYS A 14 -2.54 4.29 5.69
N GLY A 15 -1.95 3.14 6.03
CA GLY A 15 -2.60 1.83 5.93
C GLY A 15 -3.73 1.67 6.96
N SER A 16 -4.72 0.82 6.66
CA SER A 16 -5.98 0.72 7.41
C SER A 16 -5.87 0.31 8.88
N ASP A 17 -4.75 -0.28 9.31
CA ASP A 17 -4.47 -0.63 10.71
C ASP A 17 -3.93 0.55 11.56
N GLY A 18 -3.56 1.67 10.93
CA GLY A 18 -3.02 2.88 11.55
C GLY A 18 -1.52 3.11 11.31
N ARG A 19 -0.89 2.27 10.48
CA ARG A 19 0.56 2.25 10.20
C ARG A 19 0.88 2.86 8.83
N THR A 20 1.93 3.67 8.73
CA THR A 20 2.39 4.25 7.46
C THR A 20 3.17 3.24 6.60
N TYR A 21 2.99 3.30 5.28
CA TYR A 21 3.71 2.48 4.29
C TYR A 21 4.15 3.32 3.08
N ALA A 22 5.33 3.00 2.54
CA ALA A 22 6.09 3.86 1.64
C ALA A 22 5.33 4.23 0.34
N ASN A 23 4.63 3.25 -0.25
CA ASN A 23 3.60 3.42 -1.28
C ASN A 23 2.62 2.21 -1.26
N SER A 24 1.55 2.26 -2.05
CA SER A 24 0.50 1.21 -2.07
C SER A 24 1.00 -0.18 -2.47
N CYS A 25 2.09 -0.26 -3.24
CA CYS A 25 2.79 -1.51 -3.57
C CYS A 25 3.26 -2.25 -2.32
N ILE A 26 4.14 -1.63 -1.52
CA ILE A 26 4.70 -2.28 -0.32
C ILE A 26 3.62 -2.66 0.70
N ALA A 27 2.56 -1.85 0.84
CA ALA A 27 1.40 -2.13 1.67
C ALA A 27 0.71 -3.45 1.25
N ARG A 28 0.27 -3.55 -0.01
CA ARG A 28 -0.40 -4.75 -0.56
C ARG A 28 0.52 -5.98 -0.60
N CYS A 29 1.81 -5.79 -0.88
CA CYS A 29 2.81 -6.87 -0.83
C CYS A 29 2.97 -7.45 0.60
N ASN A 30 2.98 -6.58 1.62
CA ASN A 30 3.04 -6.96 3.03
C ASN A 30 1.74 -7.62 3.53
N GLY A 31 0.57 -7.02 3.25
CA GLY A 31 -0.75 -7.53 3.64
C GLY A 31 -1.76 -6.47 4.12
N VAL A 32 -1.62 -5.20 3.74
CA VAL A 32 -2.46 -4.07 4.14
C VAL A 32 -2.92 -3.30 2.90
N SER A 33 -4.06 -2.64 3.01
CA SER A 33 -4.72 -1.84 1.96
C SER A 33 -5.21 -0.48 2.50
N ILE A 34 -5.64 0.39 1.59
CA ILE A 34 -6.14 1.76 1.84
C ILE A 34 -7.62 1.92 1.40
N LYS A 35 -8.25 0.84 0.93
CA LYS A 35 -9.65 0.77 0.43
C LYS A 35 -10.66 1.40 1.40
N SER A 36 -10.76 0.84 2.60
CA SER A 36 -11.66 1.25 3.67
C SER A 36 -11.10 0.80 5.03
N GLU A 37 -11.03 1.74 5.98
CA GLU A 37 -10.53 1.52 7.34
C GLU A 37 -11.44 0.60 8.18
N GLY A 38 -10.95 0.15 9.36
CA GLY A 38 -11.68 -0.73 10.27
C GLY A 38 -12.89 -0.12 10.97
N SER A 39 -13.06 1.20 10.92
CA SER A 39 -14.22 1.96 11.43
C SER A 39 -14.51 3.22 10.58
N CYS A 40 -15.70 3.80 10.76
CA CYS A 40 -16.14 5.02 10.07
C CYS A 40 -17.09 5.87 10.95
N PRO A 41 -16.57 6.56 11.99
CA PRO A 41 -17.37 7.38 12.90
C PRO A 41 -17.76 8.74 12.26
N THR A 42 -18.85 8.76 11.49
CA THR A 42 -19.44 9.96 10.83
C THR A 42 -20.19 10.88 11.82
N GLY A 43 -19.58 11.11 13.00
CA GLY A 43 -20.17 11.80 14.16
C GLY A 43 -21.03 10.88 15.03
N ILE A 44 -20.97 11.09 16.36
CA ILE A 44 -21.68 10.35 17.42
C ILE A 44 -22.22 11.28 18.52
N LYS A 1 16.66 -8.45 0.03
CA LYS A 1 15.57 -8.77 1.01
C LYS A 1 14.36 -7.85 0.80
N LYS A 2 13.16 -8.30 1.20
CA LYS A 2 11.84 -7.60 1.12
C LYS A 2 11.46 -6.94 -0.22
N VAL A 3 11.99 -7.45 -1.33
CA VAL A 3 11.75 -6.92 -2.70
C VAL A 3 10.38 -7.37 -3.22
N CYS A 4 9.55 -6.41 -3.60
CA CYS A 4 8.23 -6.59 -4.24
C CYS A 4 8.17 -6.05 -5.69
N ALA A 5 9.30 -5.56 -6.22
CA ALA A 5 9.47 -4.81 -7.47
C ALA A 5 8.57 -3.54 -7.59
N CYS A 6 8.29 -2.92 -6.44
CA CYS A 6 7.51 -1.68 -6.33
C CYS A 6 8.20 -0.46 -7.00
N PRO A 7 7.42 0.58 -7.39
CA PRO A 7 7.94 1.74 -8.12
C PRO A 7 8.78 2.70 -7.25
N LYS A 8 9.53 3.59 -7.92
CA LYS A 8 10.39 4.64 -7.31
C LYS A 8 9.63 5.89 -6.81
N ILE A 9 8.31 5.91 -6.97
CA ILE A 9 7.38 6.90 -6.39
C ILE A 9 7.50 6.96 -4.87
N LEU A 10 7.07 8.08 -4.30
CA LEU A 10 7.09 8.40 -2.89
C LEU A 10 5.73 9.03 -2.50
N LYS A 11 4.79 8.19 -2.05
CA LYS A 11 3.49 8.59 -1.52
C LYS A 11 3.13 7.73 -0.28
N PRO A 12 3.66 8.06 0.91
CA PRO A 12 3.34 7.34 2.13
C PRO A 12 1.88 7.58 2.55
N VAL A 13 1.24 6.57 3.14
CA VAL A 13 -0.18 6.58 3.55
C VAL A 13 -0.34 5.97 4.95
N CYS A 14 -1.45 6.28 5.61
CA CYS A 14 -1.77 5.91 7.00
C CYS A 14 -2.42 4.51 7.16
N GLY A 15 -2.78 3.87 6.04
CA GLY A 15 -3.36 2.53 5.93
C GLY A 15 -4.66 2.28 6.69
N SER A 16 -5.16 1.04 6.61
CA SER A 16 -6.29 0.56 7.42
C SER A 16 -5.85 0.17 8.84
N ASP A 17 -4.64 -0.40 9.00
CA ASP A 17 -4.07 -0.88 10.27
C ASP A 17 -3.56 0.24 11.20
N GLY A 18 -3.43 1.47 10.71
CA GLY A 18 -3.04 2.68 11.46
C GLY A 18 -1.53 2.97 11.45
N ARG A 19 -0.76 2.23 10.65
CA ARG A 19 0.72 2.32 10.53
C ARG A 19 1.15 3.21 9.36
N THR A 20 2.47 3.33 9.14
CA THR A 20 3.06 4.13 8.05
C THR A 20 3.94 3.25 7.15
N TYR A 21 3.70 3.31 5.84
CA TYR A 21 4.43 2.57 4.81
C TYR A 21 4.85 3.47 3.66
N ALA A 22 5.90 3.08 2.93
CA ALA A 22 6.56 3.94 1.95
C ALA A 22 5.65 4.30 0.75
N ASN A 23 4.94 3.30 0.20
CA ASN A 23 3.90 3.46 -0.82
C ASN A 23 2.69 2.52 -0.54
N SER A 24 1.64 2.63 -1.35
CA SER A 24 0.55 1.64 -1.39
C SER A 24 1.05 0.25 -1.81
N CYS A 25 1.96 0.18 -2.78
CA CYS A 25 2.54 -1.07 -3.31
C CYS A 25 3.15 -1.95 -2.21
N ILE A 26 4.10 -1.40 -1.45
CA ILE A 26 4.78 -2.13 -0.37
C ILE A 26 3.81 -2.62 0.72
N ALA A 27 2.80 -1.80 1.07
CA ALA A 27 1.78 -2.18 2.06
C ALA A 27 0.85 -3.29 1.56
N ARG A 28 0.45 -3.25 0.28
CA ARG A 28 -0.37 -4.27 -0.38
C ARG A 28 0.39 -5.58 -0.59
N CYS A 29 1.69 -5.52 -0.88
CA CYS A 29 2.62 -6.66 -0.85
C CYS A 29 2.68 -7.30 0.55
N ASN A 30 2.86 -6.48 1.60
CA ASN A 30 2.94 -6.90 3.00
C ASN A 30 1.64 -7.56 3.51
N GLY A 31 0.47 -6.97 3.23
CA GLY A 31 -0.84 -7.54 3.56
C GLY A 31 -1.94 -6.54 3.97
N VAL A 32 -1.82 -5.25 3.69
CA VAL A 32 -2.75 -4.18 4.10
C VAL A 32 -3.39 -3.54 2.86
N SER A 33 -4.66 -3.18 3.02
CA SER A 33 -5.49 -2.48 2.03
C SER A 33 -5.42 -0.96 2.21
N ILE A 34 -5.09 -0.25 1.13
CA ILE A 34 -4.86 1.22 1.11
C ILE A 34 -5.88 1.98 0.25
N LYS A 35 -6.50 1.30 -0.72
CA LYS A 35 -7.60 1.79 -1.57
C LYS A 35 -8.90 2.09 -0.79
N SER A 36 -9.07 1.51 0.41
CA SER A 36 -10.25 1.63 1.29
C SER A 36 -10.36 2.97 2.05
N GLU A 37 -9.52 3.94 1.73
CA GLU A 37 -9.40 5.27 2.38
C GLU A 37 -10.74 6.02 2.59
N GLY A 38 -11.64 5.98 1.61
CA GLY A 38 -12.90 6.73 1.62
C GLY A 38 -13.99 6.12 0.73
N SER A 39 -14.31 4.85 0.96
CA SER A 39 -15.34 4.09 0.20
C SER A 39 -16.77 4.65 0.37
N CYS A 40 -17.08 5.25 1.53
CA CYS A 40 -18.36 5.90 1.82
C CYS A 40 -18.16 7.08 2.83
N PRO A 41 -17.77 8.28 2.35
CA PRO A 41 -17.58 9.46 3.20
C PRO A 41 -18.92 10.10 3.63
N THR A 42 -18.86 11.06 4.56
CA THR A 42 -20.00 11.90 4.94
C THR A 42 -20.37 12.92 3.84
N GLY A 43 -21.50 13.63 4.00
CA GLY A 43 -22.03 14.62 3.06
C GLY A 43 -21.56 16.05 3.38
N ILE A 44 -22.49 16.91 3.82
CA ILE A 44 -22.26 18.31 4.22
C ILE A 44 -21.34 18.46 5.46
#